data_8GAH
#
_entry.id   8GAH
#
_cell.length_a   1.00
_cell.length_b   1.00
_cell.length_c   1.00
_cell.angle_alpha   90.00
_cell.angle_beta   90.00
_cell.angle_gamma   90.00
#
_symmetry.space_group_name_H-M   'P 1'
#
loop_
_entity.id
_entity.type
_entity.pdbx_description
1 polymer 'H(+)/Cl(-) exchange transporter ClcA'
2 non-polymer 'CHLORIDE ION'
#
_entity_poly.entity_id   1
_entity_poly.type   'polypeptide(L)'
_entity_poly.pdbx_seq_one_letter_code
;MKTDTPSLETPQAARLRRRQLIRQCLERDKTPLAILFMAAVVGTLVGLAAVAFDKGVAWLQNQRMGALVHTADNYPLLLT
VAFLASAVLAMFGYFLVRKYAPEAGGSGIPEIEGALEDQRPVRWWRVLPVKFFGGLGTLGGGMVLGREGPTVQIGGNIGR
MVLDIFRLKGDEARHTLLATGAAAGLAAAFNAPLAGILFIIEEMRPQFRYTLISIKAVFIGVIMSTIMYRIFNHEVALID
VGKLSDAPLNTLWLYLILGIIFGIFGPIFNKWVLGMQDLLHRVHGGNITKWVLMGGAIGGLCGLLGFVAPATSGGGFNLI
PIATAGNFSMGMLVFIFVARVITTLLCFSSGAPGGIFAPMLALGTVLGTAFGMVAVELFPQYHLEAGTFAIAGMGALLAA
SIRAPLTGIILVLEMTDNYQLILPMIITGLGATLLAQFTGGKPLYSAILCRTLAKQEAEQL
;
_entity_poly.pdbx_strand_id   A,B
#
loop_
_chem_comp.id
_chem_comp.type
_chem_comp.name
_chem_comp.formula
CL non-polymer 'CHLORIDE ION' 'Cl -1'
#
# COMPACT_ATOMS: atom_id res chain seq x y z
N LYS A 30 13.90 -14.65 22.55
CA LYS A 30 15.15 -13.92 22.72
C LYS A 30 15.21 -12.71 21.79
N THR A 31 14.58 -12.82 20.62
CA THR A 31 14.53 -11.76 19.63
C THR A 31 13.07 -11.43 19.30
N PRO A 32 12.39 -10.65 20.17
CA PRO A 32 11.03 -10.21 19.82
C PRO A 32 11.01 -8.98 18.92
N LEU A 33 11.94 -8.06 19.14
CA LEU A 33 11.90 -6.74 18.53
C LEU A 33 13.18 -6.37 17.80
N ALA A 34 14.27 -7.12 17.96
CA ALA A 34 15.49 -6.82 17.23
C ALA A 34 15.38 -7.27 15.78
N ILE A 35 14.55 -8.27 15.50
CA ILE A 35 14.32 -8.68 14.12
C ILE A 35 13.43 -7.67 13.39
N LEU A 36 12.60 -6.94 14.15
CA LEU A 36 11.79 -5.88 13.55
C LEU A 36 12.56 -4.58 13.39
N PHE A 37 13.63 -4.38 14.17
CA PHE A 37 14.51 -3.25 13.93
C PHE A 37 15.40 -3.49 12.72
N MET A 38 15.94 -4.71 12.59
CA MET A 38 16.80 -5.05 11.46
C MET A 38 16.03 -5.17 10.16
N ALA A 39 14.72 -5.44 10.22
CA ALA A 39 13.90 -5.43 9.02
C ALA A 39 13.71 -4.01 8.50
N ALA A 40 13.67 -3.03 9.40
CA ALA A 40 13.68 -1.63 8.96
C ALA A 40 15.04 -1.22 8.44
N VAL A 41 16.11 -1.87 8.92
CA VAL A 41 17.43 -1.63 8.36
C VAL A 41 17.54 -2.22 6.96
N VAL A 42 16.93 -3.39 6.75
CA VAL A 42 16.86 -3.98 5.41
C VAL A 42 16.03 -3.09 4.48
N GLY A 43 14.83 -2.70 4.92
CA GLY A 43 13.96 -1.85 4.12
C GLY A 43 14.49 -0.45 3.86
N THR A 44 15.42 0.02 4.69
CA THR A 44 16.07 1.29 4.40
C THR A 44 17.11 1.13 3.29
N LEU A 45 17.93 0.10 3.36
CA LEU A 45 18.94 -0.12 2.34
C LEU A 45 18.34 -0.61 1.03
N VAL A 46 17.25 -1.38 1.10
CA VAL A 46 16.47 -1.74 -0.09
C VAL A 46 15.49 -0.59 -0.30
N GLY A 47 15.92 0.42 -1.04
CA GLY A 47 15.16 1.64 -1.16
C GLY A 47 16.13 2.80 -1.21
N LEU A 48 17.34 2.55 -0.72
CA LEU A 48 18.47 3.43 -0.95
C LEU A 48 19.42 2.88 -2.01
N ALA A 49 19.64 1.56 -2.00
CA ALA A 49 20.38 0.91 -3.07
C ALA A 49 19.49 0.60 -4.27
N ALA A 50 18.18 0.83 -4.16
CA ALA A 50 17.26 0.66 -5.27
C ALA A 50 17.11 1.96 -6.05
N VAL A 51 16.88 3.08 -5.37
CA VAL A 51 16.77 4.36 -6.06
C VAL A 51 18.12 4.88 -6.55
N ALA A 52 19.23 4.35 -6.01
CA ALA A 52 20.53 4.63 -6.59
C ALA A 52 20.78 3.78 -7.82
N PHE A 53 20.08 2.66 -7.95
CA PHE A 53 20.13 1.86 -9.17
C PHE A 53 19.28 2.48 -10.27
N ASP A 54 18.13 3.07 -9.88
CA ASP A 54 17.26 3.68 -10.89
C ASP A 54 17.85 4.99 -11.40
N LYS A 55 18.48 5.75 -10.51
CA LYS A 55 19.20 6.96 -10.89
C LYS A 55 20.52 6.66 -11.59
N GLY A 56 20.99 5.42 -11.56
CA GLY A 56 22.20 5.04 -12.26
C GLY A 56 21.93 4.52 -13.65
N VAL A 57 20.78 3.87 -13.84
CA VAL A 57 20.39 3.46 -15.18
C VAL A 57 19.75 4.60 -15.95
N ALA A 58 19.23 5.63 -15.27
CA ALA A 58 18.69 6.79 -15.97
C ALA A 58 19.79 7.78 -16.31
N TRP A 59 20.83 7.85 -15.49
CA TRP A 59 22.00 8.67 -15.83
C TRP A 59 22.79 8.05 -16.97
N LEU A 60 22.81 6.72 -17.06
CA LEU A 60 23.51 6.05 -18.14
C LEU A 60 22.71 6.08 -19.43
N GLN A 61 21.38 6.04 -19.34
CA GLN A 61 20.56 6.09 -20.55
C GLN A 61 20.52 7.50 -21.14
N ASN A 62 20.49 8.52 -20.28
CA ASN A 62 20.43 9.89 -20.76
C ASN A 62 21.76 10.38 -21.33
N GLN A 63 22.89 9.84 -20.87
CA GLN A 63 24.17 10.20 -21.43
C GLN A 63 24.62 9.26 -22.54
N ARG A 64 23.86 8.22 -22.83
CA ARG A 64 24.07 7.42 -24.02
C ARG A 64 23.23 7.90 -25.19
N MET A 65 22.02 8.40 -24.92
CA MET A 65 21.27 9.14 -25.93
C MET A 65 21.80 10.55 -26.10
N GLY A 66 22.34 11.14 -25.02
CA GLY A 66 22.97 12.44 -25.09
C GLY A 66 24.32 12.45 -25.77
N ALA A 67 24.92 11.29 -25.97
CA ALA A 67 26.16 11.17 -26.73
C ALA A 67 25.91 11.03 -28.23
N LEU A 68 24.66 10.84 -28.65
CA LEU A 68 24.32 10.78 -30.05
C LEU A 68 23.93 12.13 -30.63
N VAL A 69 23.48 13.07 -29.79
CA VAL A 69 23.16 14.40 -30.30
C VAL A 69 24.42 15.22 -30.55
N HIS A 70 25.56 14.80 -30.01
CA HIS A 70 26.81 15.48 -30.31
C HIS A 70 27.29 15.14 -31.72
N THR A 71 27.30 13.85 -32.05
CA THR A 71 27.65 13.38 -33.40
C THR A 71 26.43 13.24 -34.31
N ALA A 72 25.58 14.27 -34.36
CA ALA A 72 24.40 14.23 -35.20
C ALA A 72 24.67 14.63 -36.64
N ASP A 73 25.87 15.14 -36.93
CA ASP A 73 26.20 15.55 -38.30
C ASP A 73 26.51 14.34 -39.17
N ASN A 74 27.22 13.35 -38.62
CA ASN A 74 27.61 12.15 -39.33
C ASN A 74 26.67 11.01 -38.94
N TYR A 75 26.05 10.38 -39.93
CA TYR A 75 25.12 9.29 -39.68
C TYR A 75 25.79 7.93 -39.39
N PRO A 76 26.82 7.46 -40.13
CA PRO A 76 27.43 6.18 -39.72
C PRO A 76 28.23 6.28 -38.44
N LEU A 77 28.75 7.46 -38.09
CA LEU A 77 29.43 7.64 -36.81
C LEU A 77 28.44 7.64 -35.65
N LEU A 78 27.18 7.98 -35.92
CA LEU A 78 26.16 7.90 -34.87
C LEU A 78 25.77 6.46 -34.58
N LEU A 79 25.74 5.62 -35.62
CA LEU A 79 25.39 4.22 -35.42
C LEU A 79 26.52 3.45 -34.75
N THR A 80 27.77 3.89 -34.94
CA THR A 80 28.90 3.22 -34.33
C THR A 80 28.93 3.47 -32.82
N VAL A 81 28.73 4.72 -32.41
CA VAL A 81 28.80 5.06 -30.99
C VAL A 81 27.48 4.76 -30.30
N ALA A 82 26.46 4.33 -31.04
CA ALA A 82 25.26 3.79 -30.40
C ALA A 82 25.39 2.29 -30.19
N PHE A 83 26.17 1.64 -31.05
CA PHE A 83 26.47 0.23 -30.86
C PHE A 83 27.54 0.05 -29.78
N LEU A 84 28.63 0.81 -29.87
CA LEU A 84 29.80 0.54 -29.04
C LEU A 84 29.60 1.01 -27.61
N ALA A 85 28.82 2.07 -27.40
CA ALA A 85 28.58 2.54 -26.04
C ALA A 85 27.59 1.63 -25.32
N SER A 86 26.82 0.84 -26.07
CA SER A 86 25.94 -0.14 -25.47
C SER A 86 26.63 -1.48 -25.33
N ALA A 87 27.60 -1.77 -26.21
CA ALA A 87 28.30 -3.04 -26.16
C ALA A 87 29.24 -3.11 -24.97
N VAL A 88 30.05 -2.06 -24.78
CA VAL A 88 31.05 -2.09 -23.70
C VAL A 88 30.38 -1.82 -22.35
N LEU A 89 29.13 -1.34 -22.37
CA LEU A 89 28.35 -1.28 -21.14
C LEU A 89 27.74 -2.64 -20.82
N ALA A 90 27.35 -3.40 -21.85
CA ALA A 90 26.86 -4.75 -21.65
C ALA A 90 27.99 -5.75 -21.44
N MET A 91 29.12 -5.58 -22.11
CA MET A 91 30.29 -6.43 -21.87
C MET A 91 30.84 -6.24 -20.47
N PHE A 92 30.68 -5.04 -19.91
CA PHE A 92 30.98 -4.81 -18.50
C PHE A 92 30.02 -5.56 -17.60
N GLY A 93 28.78 -5.74 -18.04
CA GLY A 93 27.79 -6.44 -17.21
C GLY A 93 27.89 -7.94 -17.28
N TYR A 94 28.23 -8.48 -18.46
CA TYR A 94 28.37 -9.93 -18.59
C TYR A 94 29.66 -10.41 -17.96
N PHE A 95 30.71 -9.58 -17.96
CA PHE A 95 32.00 -9.99 -17.38
C PHE A 95 31.91 -10.09 -15.86
N LEU A 96 31.20 -9.14 -15.23
CA LEU A 96 31.02 -9.20 -13.78
C LEU A 96 30.18 -10.39 -13.35
N VAL A 97 29.25 -10.82 -14.20
CA VAL A 97 28.43 -11.98 -13.87
C VAL A 97 29.24 -13.26 -14.06
N ARG A 98 29.88 -13.42 -15.21
CA ARG A 98 30.51 -14.70 -15.52
C ARG A 98 31.80 -14.94 -14.74
N LYS A 99 32.43 -13.90 -14.22
CA LYS A 99 33.69 -14.07 -13.50
C LYS A 99 33.48 -14.13 -11.99
N TYR A 100 32.66 -13.24 -11.44
CA TYR A 100 32.62 -13.01 -10.01
C TYR A 100 31.41 -13.60 -9.31
N ALA A 101 30.25 -13.66 -9.96
CA ALA A 101 29.06 -14.23 -9.34
C ALA A 101 28.15 -14.76 -10.44
N PRO A 102 28.34 -16.03 -10.86
CA PRO A 102 27.49 -16.59 -11.93
C PRO A 102 26.12 -17.05 -11.47
N GLU A 103 25.47 -16.23 -10.64
CA GLU A 103 24.08 -16.40 -10.25
C GLU A 103 23.35 -15.07 -10.33
N ALA A 104 24.06 -13.98 -10.62
CA ALA A 104 23.46 -12.70 -10.90
C ALA A 104 22.97 -12.59 -12.33
N GLY A 105 23.32 -13.56 -13.20
CA GLY A 105 22.77 -13.58 -14.53
C GLY A 105 21.29 -13.91 -14.53
N GLY A 106 20.62 -13.46 -15.58
CA GLY A 106 19.19 -13.69 -15.64
C GLY A 106 18.46 -12.71 -14.74
N SER A 107 17.32 -13.18 -14.20
CA SER A 107 16.49 -12.32 -13.38
C SER A 107 17.07 -12.15 -11.99
N GLY A 108 17.22 -13.25 -11.25
CA GLY A 108 17.59 -13.22 -9.86
C GLY A 108 16.44 -13.52 -8.92
N ILE A 109 15.21 -13.39 -9.40
CA ILE A 109 14.02 -13.88 -8.69
C ILE A 109 14.03 -15.41 -8.52
N PRO A 110 14.44 -16.24 -9.51
CA PRO A 110 14.61 -17.68 -9.18
C PRO A 110 15.74 -17.97 -8.21
N GLU A 111 16.70 -17.06 -8.05
CA GLU A 111 17.78 -17.29 -7.10
C GLU A 111 17.38 -16.92 -5.68
N ILE A 112 16.41 -16.02 -5.51
CA ILE A 112 15.86 -15.74 -4.19
C ILE A 112 14.74 -16.72 -3.85
N GLU A 113 13.95 -17.12 -4.86
CA GLU A 113 12.92 -18.14 -4.66
C GLU A 113 13.50 -19.49 -4.29
N GLY A 114 14.72 -19.78 -4.75
CA GLY A 114 15.42 -20.99 -4.40
C GLY A 114 16.34 -20.87 -3.20
N ALA A 115 16.50 -19.67 -2.66
CA ALA A 115 17.24 -19.48 -1.42
C ALA A 115 16.35 -19.51 -0.19
N LEU A 116 15.05 -19.24 -0.36
CA LEU A 116 14.08 -19.36 0.71
C LEU A 116 13.69 -20.81 0.97
N GLU A 117 14.07 -21.74 0.11
CA GLU A 117 13.88 -23.17 0.33
C GLU A 117 15.16 -23.85 0.79
N ASP A 118 16.19 -23.07 1.14
CA ASP A 118 17.52 -23.56 1.54
C ASP A 118 18.15 -24.44 0.46
N GLN A 119 18.02 -24.02 -0.80
CA GLN A 119 18.56 -24.76 -1.92
C GLN A 119 19.64 -24.01 -2.68
N ARG A 120 19.62 -22.67 -2.69
CA ARG A 120 20.63 -21.87 -3.33
C ARG A 120 21.38 -21.03 -2.31
N PRO A 121 22.68 -20.84 -2.47
CA PRO A 121 23.43 -20.01 -1.51
C PRO A 121 23.22 -18.52 -1.76
N VAL A 122 23.34 -17.75 -0.68
CA VAL A 122 23.15 -16.31 -0.75
C VAL A 122 24.49 -15.63 -0.54
N ARG A 123 25.21 -15.39 -1.63
CA ARG A 123 26.57 -14.85 -1.56
C ARG A 123 26.52 -13.35 -1.80
N TRP A 124 26.12 -12.62 -0.76
CA TRP A 124 25.90 -11.18 -0.86
C TRP A 124 27.19 -10.40 -1.10
N TRP A 125 28.35 -10.97 -0.75
CA TRP A 125 29.61 -10.29 -0.98
C TRP A 125 30.02 -10.32 -2.45
N ARG A 126 29.40 -11.18 -3.25
CA ARG A 126 29.68 -11.30 -4.68
C ARG A 126 28.56 -10.79 -5.56
N VAL A 127 27.30 -11.04 -5.21
CA VAL A 127 26.20 -10.68 -6.09
C VAL A 127 25.89 -9.18 -5.99
N LEU A 128 26.02 -8.60 -4.79
CA LEU A 128 25.69 -7.18 -4.62
C LEU A 128 26.59 -6.21 -5.39
N PRO A 129 27.92 -6.39 -5.50
CA PRO A 129 28.66 -5.53 -6.44
C PRO A 129 28.49 -5.92 -7.91
N VAL A 130 27.89 -7.05 -8.21
CA VAL A 130 27.75 -7.54 -9.58
C VAL A 130 26.34 -7.30 -10.12
N LYS A 131 25.32 -7.52 -9.30
CA LYS A 131 23.96 -7.24 -9.73
C LYS A 131 23.68 -5.74 -9.77
N PHE A 132 24.41 -4.95 -8.98
CA PHE A 132 24.25 -3.51 -9.05
C PHE A 132 25.02 -2.93 -10.23
N PHE A 133 26.35 -3.08 -10.22
CA PHE A 133 27.19 -2.41 -11.20
C PHE A 133 27.13 -3.06 -12.58
N GLY A 134 26.97 -4.37 -12.63
CA GLY A 134 26.82 -5.03 -13.91
C GLY A 134 25.38 -5.00 -14.37
N GLY A 135 24.48 -4.73 -13.43
CA GLY A 135 23.07 -4.60 -13.75
C GLY A 135 22.71 -3.24 -14.28
N LEU A 136 23.47 -2.24 -13.84
CA LEU A 136 23.47 -0.90 -14.40
C LEU A 136 23.89 -0.95 -15.83
N GLY A 137 25.13 -1.37 -16.05
CA GLY A 137 25.73 -1.35 -17.37
C GLY A 137 24.87 -2.08 -18.38
N THR A 138 24.17 -3.12 -17.93
CA THR A 138 23.28 -3.88 -18.81
C THR A 138 21.99 -3.12 -19.08
N LEU A 139 21.36 -2.59 -18.03
CA LEU A 139 20.10 -1.88 -18.19
C LEU A 139 20.29 -0.47 -18.73
N GLY A 140 21.33 0.23 -18.26
CA GLY A 140 21.62 1.55 -18.77
C GLY A 140 22.19 1.55 -20.18
N GLY A 141 22.75 0.42 -20.62
CA GLY A 141 23.13 0.24 -22.00
C GLY A 141 21.98 0.09 -22.97
N GLY A 142 20.75 -0.10 -22.47
CA GLY A 142 19.60 -0.14 -23.33
C GLY A 142 19.09 -1.51 -23.67
N MET A 143 19.51 -2.55 -22.96
CA MET A 143 19.04 -3.89 -23.23
C MET A 143 17.60 -4.04 -22.75
N VAL A 144 16.90 -5.01 -23.35
CA VAL A 144 15.45 -5.14 -23.12
C VAL A 144 15.30 -5.99 -21.87
N LEU A 145 15.48 -5.34 -20.72
CA LEU A 145 15.52 -6.02 -19.44
C LEU A 145 14.95 -5.10 -18.38
N GLY A 146 14.56 -5.70 -17.25
CA GLY A 146 13.79 -5.03 -16.24
C GLY A 146 14.62 -4.59 -15.04
N ARG A 147 14.07 -3.59 -14.34
CA ARG A 147 14.61 -3.02 -13.13
C ARG A 147 14.31 -3.88 -11.91
N GLU A 148 13.39 -4.83 -12.05
CA GLU A 148 12.83 -5.57 -10.93
C GLU A 148 13.63 -6.83 -10.63
N GLY A 149 14.34 -7.37 -11.60
CA GLY A 149 15.16 -8.54 -11.42
C GLY A 149 16.40 -8.25 -10.62
N PRO A 150 17.16 -7.21 -11.01
CA PRO A 150 18.22 -6.70 -10.12
C PRO A 150 17.75 -6.32 -8.73
N THR A 151 16.60 -5.64 -8.60
CA THR A 151 16.24 -5.07 -7.31
C THR A 151 15.75 -6.13 -6.33
N VAL A 152 15.11 -7.19 -6.83
CA VAL A 152 14.67 -8.27 -5.94
C VAL A 152 15.86 -9.09 -5.44
N GLN A 153 16.82 -9.37 -6.31
CA GLN A 153 18.00 -10.12 -5.88
C GLN A 153 18.94 -9.27 -5.04
N ILE A 154 19.06 -7.97 -5.33
CA ILE A 154 19.81 -7.06 -4.46
C ILE A 154 19.15 -7.00 -3.08
N GLY A 155 17.82 -6.96 -3.05
CA GLY A 155 17.12 -6.96 -1.78
C GLY A 155 17.24 -8.25 -1.01
N GLY A 156 17.30 -9.39 -1.70
CA GLY A 156 17.51 -10.65 -1.02
C GLY A 156 18.92 -10.79 -0.47
N ASN A 157 19.90 -10.16 -1.11
CA ASN A 157 21.28 -10.20 -0.61
C ASN A 157 21.51 -9.17 0.47
N ILE A 158 20.81 -8.03 0.44
CA ILE A 158 20.93 -7.04 1.50
C ILE A 158 20.35 -7.58 2.80
N GLY A 159 19.24 -8.32 2.70
CA GLY A 159 18.65 -8.93 3.88
C GLY A 159 19.51 -10.02 4.50
N ARG A 160 20.34 -10.67 3.69
CA ARG A 160 21.37 -11.57 4.23
C ARG A 160 22.56 -10.79 4.74
N MET A 161 22.83 -9.62 4.17
CA MET A 161 23.96 -8.80 4.62
C MET A 161 23.72 -8.24 6.01
N VAL A 162 22.51 -7.74 6.27
CA VAL A 162 22.13 -7.26 7.60
C VAL A 162 22.10 -8.42 8.59
N LEU A 163 21.70 -9.60 8.12
CA LEU A 163 21.68 -10.79 8.95
C LEU A 163 23.10 -11.27 9.29
N ASP A 164 24.07 -10.99 8.43
CA ASP A 164 25.43 -11.45 8.68
C ASP A 164 26.22 -10.44 9.51
N ILE A 165 26.04 -9.15 9.28
CA ILE A 165 26.77 -8.16 10.06
C ILE A 165 26.15 -7.94 11.43
N PHE A 166 24.88 -8.30 11.62
CA PHE A 166 24.24 -8.37 12.93
C PHE A 166 23.89 -9.83 13.10
N ARG A 167 24.82 -10.59 13.71
CA ARG A 167 24.81 -12.05 13.64
C ARG A 167 23.62 -12.61 14.39
N LEU A 168 22.61 -13.06 13.64
CA LEU A 168 21.39 -13.64 14.18
C LEU A 168 21.39 -15.14 13.94
N LYS A 169 20.94 -15.90 14.92
CA LYS A 169 21.00 -17.34 14.86
C LYS A 169 19.68 -17.91 14.33
N GLY A 170 19.73 -19.15 13.87
CA GLY A 170 18.54 -19.88 13.51
C GLY A 170 17.99 -19.49 12.13
N ASP A 171 17.22 -20.42 11.57
CA ASP A 171 16.56 -20.19 10.28
C ASP A 171 15.28 -19.38 10.41
N GLU A 172 14.86 -19.06 11.64
CA GLU A 172 13.66 -18.24 11.82
C GLU A 172 13.90 -16.81 11.39
N ALA A 173 15.14 -16.34 11.51
CA ALA A 173 15.52 -15.00 11.07
C ALA A 173 16.22 -15.01 9.72
N ARG A 174 16.66 -16.17 9.25
CA ARG A 174 17.28 -16.27 7.92
C ARG A 174 16.25 -16.04 6.82
N HIS A 175 15.07 -16.61 6.97
CA HIS A 175 14.07 -16.58 5.91
C HIS A 175 13.12 -15.40 6.01
N THR A 176 12.99 -14.77 7.18
CA THR A 176 12.16 -13.57 7.27
C THR A 176 12.92 -12.31 6.88
N LEU A 177 14.25 -12.35 6.89
CA LEU A 177 15.06 -11.28 6.32
C LEU A 177 15.39 -11.51 4.87
N LEU A 178 15.15 -12.71 4.36
CA LEU A 178 15.21 -12.99 2.94
C LEU A 178 13.88 -12.72 2.26
N ALA A 179 12.77 -12.87 2.99
CA ALA A 179 11.46 -12.54 2.45
C ALA A 179 11.30 -11.03 2.33
N THR A 180 11.63 -10.29 3.39
CA THR A 180 11.78 -8.85 3.24
C THR A 180 13.09 -8.57 2.50
N GLY A 181 13.16 -7.42 1.87
CA GLY A 181 14.24 -7.22 0.92
C GLY A 181 13.84 -7.69 -0.47
N ALA A 182 13.46 -8.97 -0.58
CA ALA A 182 12.88 -9.46 -1.82
C ALA A 182 11.51 -8.85 -2.05
N ALA A 183 10.66 -8.85 -1.02
CA ALA A 183 9.39 -8.14 -1.11
C ALA A 183 9.58 -6.64 -1.09
N ALA A 184 10.62 -6.17 -0.39
CA ALA A 184 10.95 -4.75 -0.39
C ALA A 184 11.65 -4.32 -1.68
N GLY A 185 12.15 -5.27 -2.47
CA GLY A 185 12.75 -4.94 -3.76
C GLY A 185 11.72 -4.62 -4.81
N LEU A 186 10.64 -5.42 -4.87
CA LEU A 186 9.58 -5.12 -5.82
C LEU A 186 8.78 -3.89 -5.37
N ALA A 187 8.79 -3.60 -4.07
CA ALA A 187 8.16 -2.40 -3.56
C ALA A 187 8.91 -1.13 -3.92
N ALA A 188 10.20 -1.22 -4.23
CA ALA A 188 10.97 -0.08 -4.68
C ALA A 188 11.24 -0.07 -6.17
N ALA A 189 11.17 -1.22 -6.84
CA ALA A 189 11.31 -1.26 -8.29
C ALA A 189 10.07 -0.77 -9.01
N PHE A 190 8.92 -0.73 -8.33
CA PHE A 190 7.66 -0.38 -8.97
C PHE A 190 6.82 0.61 -8.18
N ASN A 191 7.27 1.07 -7.02
CA ASN A 191 6.48 1.79 -6.01
C ASN A 191 5.20 1.02 -5.67
N ALA A 192 5.34 -0.27 -5.45
CA ALA A 192 4.22 -1.18 -5.24
C ALA A 192 4.37 -1.89 -3.90
N PRO A 193 3.92 -1.26 -2.81
CA PRO A 193 3.99 -1.96 -1.52
C PRO A 193 3.02 -3.12 -1.41
N LEU A 194 1.83 -2.98 -1.98
CA LEU A 194 0.85 -4.07 -1.90
C LEU A 194 1.25 -5.22 -2.83
N ALA A 195 1.70 -4.90 -4.05
CA ALA A 195 2.14 -5.94 -4.97
C ALA A 195 3.49 -6.52 -4.59
N GLY A 196 4.27 -5.85 -3.75
CA GLY A 196 5.53 -6.41 -3.30
C GLY A 196 5.34 -7.53 -2.29
N ILE A 197 4.39 -7.36 -1.37
CA ILE A 197 4.13 -8.40 -0.38
C ILE A 197 3.31 -9.52 -0.99
N LEU A 198 2.37 -9.20 -1.87
CA LEU A 198 1.56 -10.21 -2.54
C LEU A 198 2.37 -11.01 -3.57
N PHE A 199 3.55 -10.51 -3.95
CA PHE A 199 4.46 -11.27 -4.79
C PHE A 199 5.02 -12.48 -4.05
N ILE A 200 5.63 -12.25 -2.89
CA ILE A 200 6.27 -13.34 -2.15
C ILE A 200 5.26 -14.29 -1.52
N ILE A 201 4.01 -13.87 -1.36
CA ILE A 201 2.96 -14.79 -0.93
C ILE A 201 2.63 -15.76 -2.07
N GLU A 202 2.55 -15.25 -3.29
CA GLU A 202 2.11 -16.04 -4.43
C GLU A 202 3.25 -16.72 -5.19
N GLU A 203 4.50 -16.41 -4.87
CA GLU A 203 5.64 -16.98 -5.59
C GLU A 203 6.56 -17.82 -4.73
N MET A 204 7.02 -17.30 -3.60
CA MET A 204 8.16 -17.89 -2.90
C MET A 204 7.79 -18.66 -1.64
N ARG A 205 6.60 -18.44 -1.08
CA ARG A 205 6.23 -19.03 0.20
C ARG A 205 5.03 -19.95 0.03
N PRO A 206 5.17 -21.24 0.28
CA PRO A 206 4.07 -22.19 0.02
C PRO A 206 3.05 -22.17 1.15
N GLN A 207 2.04 -23.02 1.00
CA GLN A 207 0.92 -23.10 1.94
C GLN A 207 1.39 -23.77 3.23
N PHE A 208 1.64 -22.96 4.25
CA PHE A 208 2.04 -23.44 5.56
C PHE A 208 1.53 -22.44 6.60
N ARG A 209 2.06 -22.52 7.81
CA ARG A 209 1.69 -21.62 8.89
C ARG A 209 2.87 -20.71 9.21
N TYR A 210 2.60 -19.42 9.40
CA TYR A 210 3.64 -18.41 9.50
C TYR A 210 3.51 -17.62 10.79
N THR A 211 4.66 -17.33 11.40
CA THR A 211 4.71 -16.56 12.63
C THR A 211 4.33 -15.12 12.35
N LEU A 212 3.61 -14.50 13.29
CA LEU A 212 3.22 -13.11 13.17
C LEU A 212 4.41 -12.16 13.19
N ILE A 213 5.52 -12.56 13.79
CA ILE A 213 6.73 -11.73 13.77
C ILE A 213 7.35 -11.76 12.37
N SER A 214 7.20 -12.87 11.65
CA SER A 214 7.64 -12.92 10.26
C SER A 214 6.76 -12.03 9.37
N ILE A 215 5.46 -11.99 9.65
CA ILE A 215 4.55 -11.14 8.88
C ILE A 215 4.79 -9.67 9.22
N LYS A 216 5.09 -9.38 10.49
CA LYS A 216 5.37 -8.01 10.91
C LYS A 216 6.66 -7.49 10.30
N ALA A 217 7.72 -8.31 10.28
CA ALA A 217 9.02 -7.86 9.82
C ALA A 217 9.03 -7.61 8.32
N VAL A 218 8.29 -8.41 7.55
CA VAL A 218 8.18 -8.17 6.12
C VAL A 218 7.46 -6.85 5.84
N PHE A 219 6.47 -6.50 6.66
CA PHE A 219 5.72 -5.26 6.44
C PHE A 219 6.56 -4.03 6.74
N ILE A 220 7.41 -4.08 7.77
CA ILE A 220 8.27 -2.95 8.10
C ILE A 220 9.31 -2.72 7.01
N GLY A 221 9.82 -3.80 6.43
CA GLY A 221 10.77 -3.67 5.34
C GLY A 221 10.17 -3.15 4.05
N VAL A 222 8.93 -3.56 3.75
CA VAL A 222 8.24 -3.05 2.56
C VAL A 222 7.81 -1.61 2.76
N ILE A 223 7.40 -1.26 3.98
CA ILE A 223 7.02 0.12 4.28
C ILE A 223 8.23 1.04 4.22
N MET A 224 9.37 0.59 4.76
CA MET A 224 10.60 1.37 4.69
C MET A 224 11.17 1.43 3.27
N SER A 225 10.79 0.49 2.40
CA SER A 225 11.29 0.49 1.04
C SER A 225 10.60 1.53 0.17
N THR A 226 9.27 1.62 0.29
CA THR A 226 8.54 2.63 -0.46
C THR A 226 8.70 4.03 0.11
N ILE A 227 9.02 4.14 1.40
CA ILE A 227 9.29 5.46 1.98
C ILE A 227 10.58 6.02 1.42
N MET A 228 11.63 5.20 1.34
CA MET A 228 12.87 5.63 0.71
C MET A 228 12.72 5.82 -0.80
N TYR A 229 11.72 5.19 -1.42
CA TYR A 229 11.39 5.50 -2.80
C TYR A 229 10.70 6.86 -2.88
N ARG A 230 9.68 7.07 -2.05
CA ARG A 230 8.87 8.29 -2.11
C ARG A 230 9.56 9.51 -1.56
N ILE A 231 10.67 9.35 -0.85
CA ILE A 231 11.51 10.50 -0.51
C ILE A 231 12.18 11.06 -1.75
N PHE A 232 12.70 10.18 -2.61
CA PHE A 232 13.47 10.57 -3.77
C PHE A 232 12.69 10.53 -5.08
N ASN A 233 11.45 10.02 -5.07
CA ASN A 233 10.61 9.95 -6.27
C ASN A 233 9.20 10.37 -5.85
N HIS A 234 8.91 11.66 -6.00
CA HIS A 234 7.64 12.23 -5.55
C HIS A 234 6.53 12.11 -6.58
N GLU A 235 6.80 11.52 -7.73
CA GLU A 235 5.81 11.43 -8.80
C GLU A 235 4.88 10.24 -8.59
N VAL A 236 3.61 10.45 -8.91
CA VAL A 236 2.64 9.38 -8.95
C VAL A 236 2.51 8.96 -10.41
N ALA A 237 1.90 7.79 -10.65
CA ALA A 237 1.72 7.18 -11.97
C ALA A 237 3.07 6.94 -12.66
N LEU A 238 3.79 5.95 -12.11
CA LEU A 238 5.03 5.43 -12.71
C LEU A 238 4.85 5.10 -14.19
N ILE A 239 3.71 4.54 -14.55
CA ILE A 239 3.23 4.53 -15.94
C ILE A 239 2.11 5.55 -16.01
N ASP A 240 2.37 6.69 -16.65
CA ASP A 240 1.42 7.80 -16.71
C ASP A 240 0.71 7.73 -18.06
N VAL A 241 -0.54 7.29 -18.04
CA VAL A 241 -1.36 7.23 -19.25
C VAL A 241 -2.56 8.15 -19.19
N GLY A 242 -2.87 8.72 -18.02
CA GLY A 242 -4.10 9.47 -17.84
C GLY A 242 -5.26 8.55 -17.53
N LYS A 243 -6.30 9.12 -16.93
CA LYS A 243 -7.47 8.32 -16.60
C LYS A 243 -8.32 8.10 -17.83
N LEU A 244 -8.46 6.84 -18.23
CA LEU A 244 -9.04 6.43 -19.49
C LEU A 244 -10.54 6.20 -19.35
N SER A 245 -11.14 5.57 -20.35
CA SER A 245 -12.56 5.27 -20.39
C SER A 245 -12.89 4.13 -19.42
N ASP A 246 -14.17 3.82 -19.30
CA ASP A 246 -14.64 2.73 -18.45
C ASP A 246 -14.92 1.49 -19.28
N ALA A 247 -15.10 0.37 -18.59
CA ALA A 247 -15.52 -0.88 -19.22
C ALA A 247 -16.93 -1.22 -18.78
N PRO A 248 -17.94 -1.01 -19.62
CA PRO A 248 -19.31 -1.39 -19.25
C PRO A 248 -19.47 -2.90 -19.21
N LEU A 249 -20.55 -3.34 -18.57
CA LEU A 249 -20.69 -4.78 -18.30
C LEU A 249 -21.07 -5.59 -19.53
N ASN A 250 -21.50 -4.97 -20.61
CA ASN A 250 -21.68 -5.70 -21.86
C ASN A 250 -20.39 -5.79 -22.67
N THR A 251 -19.29 -5.25 -22.15
CA THR A 251 -17.99 -5.28 -22.78
C THR A 251 -17.06 -6.31 -22.14
N LEU A 252 -17.28 -6.64 -20.86
CA LEU A 252 -16.46 -7.55 -20.06
C LEU A 252 -16.29 -8.96 -20.65
N TRP A 253 -17.09 -9.36 -21.62
CA TRP A 253 -16.83 -10.62 -22.29
C TRP A 253 -15.67 -10.52 -23.28
N LEU A 254 -15.33 -9.31 -23.73
CA LEU A 254 -14.17 -9.13 -24.61
C LEU A 254 -12.87 -9.21 -23.84
N TYR A 255 -12.88 -8.94 -22.54
CA TYR A 255 -11.71 -9.16 -21.72
C TYR A 255 -11.53 -10.63 -21.37
N LEU A 256 -12.60 -11.42 -21.43
CA LEU A 256 -12.46 -12.86 -21.27
C LEU A 256 -11.82 -13.49 -22.49
N ILE A 257 -12.09 -12.94 -23.69
CA ILE A 257 -11.41 -13.39 -24.89
C ILE A 257 -9.93 -13.02 -24.83
N LEU A 258 -9.63 -11.86 -24.23
CA LEU A 258 -8.24 -11.42 -24.07
C LEU A 258 -7.47 -12.33 -23.12
N GLY A 259 -8.17 -12.94 -22.14
CA GLY A 259 -7.52 -13.91 -21.29
C GLY A 259 -7.26 -15.24 -21.98
N ILE A 260 -8.10 -15.58 -22.96
CA ILE A 260 -7.87 -16.80 -23.75
C ILE A 260 -6.65 -16.63 -24.65
N ILE A 261 -6.49 -15.44 -25.24
CA ILE A 261 -5.33 -15.17 -26.08
C ILE A 261 -4.06 -15.08 -25.23
N PHE A 262 -4.15 -14.45 -24.06
CA PHE A 262 -2.98 -14.29 -23.22
C PHE A 262 -2.63 -15.58 -22.48
N GLY A 263 -3.65 -16.35 -22.07
CA GLY A 263 -3.42 -17.59 -21.37
C GLY A 263 -2.84 -18.69 -22.23
N ILE A 264 -2.99 -18.59 -23.55
CA ILE A 264 -2.34 -19.52 -24.46
C ILE A 264 -0.90 -19.12 -24.70
N PHE A 265 -0.65 -17.82 -24.90
CA PHE A 265 0.68 -17.31 -25.19
C PHE A 265 1.63 -17.43 -24.00
N GLY A 266 1.11 -17.51 -22.78
CA GLY A 266 1.91 -17.60 -21.58
C GLY A 266 2.82 -18.82 -21.50
N PRO A 267 2.24 -20.02 -21.56
CA PRO A 267 3.09 -21.23 -21.67
C PRO A 267 3.88 -21.30 -22.96
N ILE A 268 3.41 -20.67 -24.04
CA ILE A 268 4.17 -20.67 -25.28
C ILE A 268 5.39 -19.77 -25.16
N PHE A 269 5.24 -18.62 -24.48
CA PHE A 269 6.38 -17.73 -24.24
C PHE A 269 7.38 -18.36 -23.28
N ASN A 270 6.91 -19.17 -22.32
CA ASN A 270 7.83 -19.81 -21.39
C ASN A 270 8.64 -20.91 -22.05
N LYS A 271 8.10 -21.56 -23.09
CA LYS A 271 8.90 -22.49 -23.87
C LYS A 271 9.95 -21.77 -24.68
N TRP A 272 9.70 -20.52 -25.05
CA TRP A 272 10.66 -19.74 -25.82
C TRP A 272 11.74 -19.14 -24.93
N VAL A 273 11.42 -18.83 -23.68
CA VAL A 273 12.43 -18.33 -22.75
C VAL A 273 13.44 -19.41 -22.41
N LEU A 274 12.95 -20.56 -21.96
CA LEU A 274 13.80 -21.69 -21.65
C LEU A 274 14.38 -22.37 -22.89
N GLY A 275 13.81 -22.14 -24.06
CA GLY A 275 14.31 -22.73 -25.28
C GLY A 275 15.45 -21.96 -25.88
N MET A 276 15.55 -20.67 -25.55
CA MET A 276 16.68 -19.85 -25.97
C MET A 276 17.75 -19.74 -24.90
N GLN A 277 17.47 -20.19 -23.67
CA GLN A 277 18.49 -20.22 -22.63
C GLN A 277 19.55 -21.26 -22.93
N ASP A 278 19.17 -22.37 -23.56
CA ASP A 278 20.11 -23.40 -23.97
C ASP A 278 20.38 -23.38 -25.47
N LEU A 279 19.78 -22.44 -26.20
CA LEU A 279 20.12 -22.20 -27.60
C LEU A 279 21.23 -21.17 -27.71
N LEU A 280 21.17 -20.11 -26.92
CA LEU A 280 22.28 -19.17 -26.81
C LEU A 280 23.43 -19.75 -26.01
N HIS A 281 23.18 -20.80 -25.21
CA HIS A 281 24.25 -21.48 -24.50
C HIS A 281 25.10 -22.36 -25.42
N ARG A 282 24.60 -22.66 -26.62
CA ARG A 282 25.37 -23.40 -27.60
C ARG A 282 26.28 -22.51 -28.44
N VAL A 283 26.09 -21.19 -28.39
CA VAL A 283 27.00 -20.28 -29.06
C VAL A 283 28.37 -20.32 -28.40
N HIS A 284 28.40 -20.06 -27.10
CA HIS A 284 29.56 -20.32 -26.26
C HIS A 284 29.46 -21.77 -25.76
N GLY A 285 30.23 -22.12 -24.74
CA GLY A 285 30.05 -23.38 -24.07
C GLY A 285 30.18 -23.20 -22.57
N GLY A 286 29.80 -22.02 -22.10
CA GLY A 286 30.19 -21.56 -20.79
C GLY A 286 31.49 -20.78 -20.77
N ASN A 287 32.11 -20.59 -21.93
CA ASN A 287 33.34 -19.82 -22.03
C ASN A 287 33.06 -18.35 -21.79
N ILE A 288 33.83 -17.75 -20.88
CA ILE A 288 33.55 -16.38 -20.44
C ILE A 288 33.92 -15.38 -21.54
N THR A 289 34.98 -15.64 -22.30
CA THR A 289 35.39 -14.72 -23.34
C THR A 289 34.52 -14.79 -24.58
N LYS A 290 33.69 -15.83 -24.73
CA LYS A 290 32.70 -15.90 -25.78
C LYS A 290 31.30 -15.59 -25.30
N TRP A 291 31.08 -15.62 -23.98
CA TRP A 291 29.81 -15.17 -23.42
C TRP A 291 29.70 -13.65 -23.43
N VAL A 292 30.80 -12.96 -23.11
CA VAL A 292 30.76 -11.51 -23.10
C VAL A 292 30.81 -10.95 -24.53
N LEU A 293 31.39 -11.69 -25.48
CA LEU A 293 31.39 -11.26 -26.87
C LEU A 293 30.07 -11.56 -27.55
N MET A 294 29.31 -12.52 -27.04
CA MET A 294 27.93 -12.70 -27.50
C MET A 294 27.00 -11.72 -26.81
N GLY A 295 27.27 -11.40 -25.54
CA GLY A 295 26.49 -10.42 -24.82
C GLY A 295 26.78 -8.98 -25.20
N GLY A 296 27.96 -8.72 -25.77
CA GLY A 296 28.22 -7.40 -26.33
C GLY A 296 27.60 -7.20 -27.70
N ALA A 297 27.48 -8.27 -28.48
CA ALA A 297 26.72 -8.19 -29.73
C ALA A 297 25.22 -8.10 -29.45
N ILE A 298 24.75 -8.80 -28.42
CA ILE A 298 23.34 -8.71 -28.03
C ILE A 298 23.05 -7.36 -27.39
N GLY A 299 23.92 -6.91 -26.49
CA GLY A 299 23.73 -5.62 -25.86
C GLY A 299 23.97 -4.45 -26.79
N GLY A 300 24.87 -4.62 -27.75
CA GLY A 300 25.10 -3.55 -28.72
C GLY A 300 23.99 -3.44 -29.75
N LEU A 301 23.30 -4.54 -30.03
CA LEU A 301 22.16 -4.49 -30.95
C LEU A 301 20.99 -3.73 -30.35
N CYS A 302 20.77 -3.88 -29.04
CA CYS A 302 19.69 -3.16 -28.37
C CYS A 302 20.01 -1.71 -28.09
N GLY A 303 21.26 -1.30 -28.23
CA GLY A 303 21.60 0.11 -28.22
C GLY A 303 21.58 0.67 -29.62
N LEU A 304 21.82 -0.21 -30.60
CA LEU A 304 21.63 0.16 -32.00
C LEU A 304 20.16 0.35 -32.30
N LEU A 305 19.29 -0.46 -31.69
CA LEU A 305 17.85 -0.30 -31.84
C LEU A 305 17.27 0.61 -30.77
N GLY A 306 17.90 1.75 -30.55
CA GLY A 306 17.38 2.73 -29.63
C GLY A 306 17.33 4.05 -30.36
N PHE A 307 18.11 4.12 -31.44
CA PHE A 307 18.12 5.25 -32.36
C PHE A 307 17.38 4.93 -33.65
N VAL A 308 17.50 3.69 -34.14
CA VAL A 308 16.79 3.29 -35.35
C VAL A 308 15.30 3.11 -35.04
N ALA A 309 14.98 2.19 -34.13
CA ALA A 309 13.60 1.91 -33.74
C ALA A 309 13.56 1.78 -32.22
N PRO A 310 13.22 2.87 -31.51
CA PRO A 310 13.27 2.84 -30.04
C PRO A 310 12.13 2.07 -29.40
N ALA A 311 11.08 1.74 -30.15
CA ALA A 311 9.94 1.02 -29.63
C ALA A 311 10.21 -0.47 -29.48
N THR A 312 11.31 -0.97 -30.05
CA THR A 312 11.64 -2.38 -29.99
C THR A 312 12.74 -2.69 -28.98
N SER A 313 13.22 -1.69 -28.24
CA SER A 313 14.19 -1.95 -27.19
C SER A 313 13.91 -1.12 -25.95
N GLY A 314 14.88 -1.06 -25.04
CA GLY A 314 14.67 -0.42 -23.76
C GLY A 314 13.95 -1.34 -22.79
N GLY A 315 13.77 -0.84 -21.57
CA GLY A 315 13.14 -1.64 -20.53
C GLY A 315 11.65 -1.87 -20.75
N GLY A 316 11.01 -1.05 -21.59
CA GLY A 316 9.62 -1.20 -21.93
C GLY A 316 8.74 -0.10 -21.40
N PHE A 317 9.14 0.54 -20.31
CA PHE A 317 8.31 1.54 -19.64
C PHE A 317 8.17 2.83 -20.45
N ASN A 318 9.07 3.07 -21.39
CA ASN A 318 8.94 4.20 -22.31
C ASN A 318 7.97 3.93 -23.45
N LEU A 319 7.48 2.70 -23.59
CA LEU A 319 6.57 2.31 -24.65
C LEU A 319 5.13 2.14 -24.17
N ILE A 320 4.95 1.83 -22.88
CA ILE A 320 3.60 1.57 -22.35
C ILE A 320 2.67 2.78 -22.42
N PRO A 321 3.08 4.02 -22.05
CA PRO A 321 2.15 5.14 -22.26
C PRO A 321 1.97 5.54 -23.72
N ILE A 322 2.94 5.26 -24.60
CA ILE A 322 2.78 5.57 -26.01
C ILE A 322 1.80 4.58 -26.65
N ALA A 323 1.89 3.30 -26.28
CA ALA A 323 1.02 2.29 -26.86
C ALA A 323 -0.38 2.31 -26.27
N THR A 324 -0.56 2.82 -25.06
CA THR A 324 -1.89 2.79 -24.43
C THR A 324 -2.83 3.81 -25.09
N ALA A 325 -2.51 5.09 -24.96
CA ALA A 325 -3.20 6.11 -25.74
C ALA A 325 -2.71 6.00 -27.18
N GLY A 326 -3.59 5.54 -28.07
CA GLY A 326 -3.21 5.04 -29.38
C GLY A 326 -2.46 5.97 -30.31
N ASN A 327 -1.17 5.70 -30.48
CA ASN A 327 -0.32 6.43 -31.42
C ASN A 327 0.18 5.57 -32.56
N PHE A 328 0.11 4.24 -32.44
CA PHE A 328 0.62 3.34 -33.46
C PHE A 328 -0.49 2.93 -34.42
N SER A 329 -0.07 2.33 -35.53
CA SER A 329 -0.97 1.65 -36.46
C SER A 329 -1.24 0.24 -35.94
N MET A 330 -1.80 -0.64 -36.77
CA MET A 330 -1.82 -2.04 -36.44
C MET A 330 -0.68 -2.80 -37.11
N GLY A 331 -0.21 -2.32 -38.26
CA GLY A 331 0.93 -2.93 -38.92
C GLY A 331 2.22 -2.61 -38.17
N MET A 332 2.27 -1.44 -37.55
CA MET A 332 3.42 -1.11 -36.71
C MET A 332 3.34 -1.82 -35.37
N LEU A 333 2.12 -1.99 -34.85
CA LEU A 333 1.93 -2.64 -33.55
C LEU A 333 2.19 -4.13 -33.63
N VAL A 334 1.91 -4.74 -34.78
CA VAL A 334 2.29 -6.14 -35.00
C VAL A 334 3.80 -6.26 -35.11
N PHE A 335 4.43 -5.32 -35.85
CA PHE A 335 5.88 -5.35 -36.02
C PHE A 335 6.60 -5.10 -34.70
N ILE A 336 6.03 -4.24 -33.85
CA ILE A 336 6.63 -3.96 -32.55
C ILE A 336 6.61 -5.21 -31.69
N PHE A 337 5.53 -5.98 -31.75
CA PHE A 337 5.41 -7.19 -30.94
C PHE A 337 6.38 -8.28 -31.40
N VAL A 338 6.53 -8.44 -32.72
CA VAL A 338 7.44 -9.46 -33.24
C VAL A 338 8.90 -9.05 -33.00
N ALA A 339 9.18 -7.75 -33.05
CA ALA A 339 10.55 -7.31 -32.81
C ALA A 339 10.87 -7.26 -31.32
N ARG A 340 9.85 -7.18 -30.46
CA ARG A 340 10.11 -7.13 -29.03
C ARG A 340 10.22 -8.52 -28.43
N VAL A 341 9.57 -9.54 -29.01
CA VAL A 341 9.74 -10.89 -28.50
C VAL A 341 11.11 -11.43 -28.88
N ILE A 342 11.69 -10.95 -29.99
CA ILE A 342 12.98 -11.46 -30.41
C ILE A 342 14.11 -10.62 -29.84
N THR A 343 13.78 -9.65 -28.96
CA THR A 343 14.80 -8.96 -28.18
C THR A 343 14.63 -9.17 -26.69
N THR A 344 13.41 -9.47 -26.24
CA THR A 344 13.19 -9.93 -24.87
C THR A 344 13.86 -11.29 -24.65
N LEU A 345 13.75 -12.19 -25.62
CA LEU A 345 14.41 -13.48 -25.54
C LEU A 345 15.92 -13.35 -25.65
N LEU A 346 16.41 -12.45 -26.53
CA LEU A 346 17.84 -12.30 -26.70
C LEU A 346 18.50 -11.67 -25.47
N CYS A 347 17.79 -10.79 -24.78
CA CYS A 347 18.37 -10.13 -23.63
C CYS A 347 18.33 -11.00 -22.38
N PHE A 348 17.21 -11.69 -22.15
CA PHE A 348 17.03 -12.41 -20.91
C PHE A 348 17.73 -13.77 -20.93
N SER A 349 17.59 -14.52 -22.03
CA SER A 349 18.11 -15.87 -22.09
C SER A 349 19.62 -15.92 -22.28
N SER A 350 20.25 -14.80 -22.63
CA SER A 350 21.70 -14.80 -22.86
C SER A 350 22.48 -14.89 -21.55
N GLY A 351 21.88 -14.49 -20.44
CA GLY A 351 22.56 -14.56 -19.16
C GLY A 351 22.98 -13.20 -18.67
N ALA A 352 22.14 -12.20 -18.90
CA ALA A 352 22.38 -10.82 -18.51
C ALA A 352 21.63 -10.49 -17.24
N PRO A 353 22.22 -9.69 -16.35
CA PRO A 353 21.53 -9.33 -15.10
C PRO A 353 20.39 -8.34 -15.31
N GLY A 354 19.21 -8.85 -15.65
CA GLY A 354 18.05 -7.99 -15.82
C GLY A 354 16.77 -8.76 -15.62
N GLY A 355 15.70 -8.01 -15.36
CA GLY A 355 14.41 -8.59 -15.05
C GLY A 355 13.61 -8.98 -16.27
N ILE A 356 12.39 -9.47 -16.02
CA ILE A 356 11.52 -9.95 -17.09
C ILE A 356 10.09 -9.44 -16.96
N PHE A 357 9.75 -8.76 -15.84
CA PHE A 357 8.44 -8.14 -15.74
C PHE A 357 8.28 -7.01 -16.75
N ALA A 358 9.19 -6.02 -16.69
CA ALA A 358 9.07 -4.85 -17.56
C ALA A 358 9.24 -5.15 -19.05
N PRO A 359 10.05 -6.11 -19.52
CA PRO A 359 9.90 -6.54 -20.91
C PRO A 359 8.56 -7.20 -21.21
N MET A 360 7.91 -7.82 -20.24
CA MET A 360 6.63 -8.49 -20.44
C MET A 360 5.43 -7.64 -20.07
N LEU A 361 5.64 -6.51 -19.39
CA LEU A 361 4.56 -5.55 -19.22
C LEU A 361 4.32 -4.76 -20.50
N ALA A 362 5.40 -4.41 -21.20
CA ALA A 362 5.26 -3.76 -22.50
C ALA A 362 4.94 -4.75 -23.61
N LEU A 363 5.16 -6.04 -23.38
CA LEU A 363 4.79 -7.07 -24.33
C LEU A 363 3.33 -7.44 -24.24
N GLY A 364 2.71 -7.23 -23.10
CA GLY A 364 1.28 -7.44 -22.95
C GLY A 364 0.50 -6.18 -23.28
N THR A 365 1.19 -5.04 -23.29
CA THR A 365 0.55 -3.78 -23.66
C THR A 365 0.42 -3.64 -25.17
N VAL A 366 1.41 -4.10 -25.93
CA VAL A 366 1.30 -4.06 -27.38
C VAL A 366 0.42 -5.18 -27.92
N LEU A 367 0.22 -6.23 -27.13
CA LEU A 367 -0.73 -7.27 -27.53
C LEU A 367 -2.15 -6.91 -27.11
N GLY A 368 -2.30 -6.24 -25.97
CA GLY A 368 -3.60 -5.76 -25.57
C GLY A 368 -4.11 -4.62 -26.44
N THR A 369 -3.19 -3.77 -26.92
CA THR A 369 -3.61 -2.72 -27.85
C THR A 369 -3.95 -3.28 -29.22
N ALA A 370 -3.19 -4.29 -29.68
CA ALA A 370 -3.51 -4.92 -30.95
C ALA A 370 -4.79 -5.73 -30.86
N PHE A 371 -5.14 -6.22 -29.67
CA PHE A 371 -6.47 -6.78 -29.46
C PHE A 371 -7.50 -5.68 -29.33
N GLY A 372 -7.15 -4.59 -28.65
CA GLY A 372 -8.08 -3.49 -28.47
C GLY A 372 -8.36 -2.71 -29.74
N MET A 373 -7.44 -2.72 -30.69
CA MET A 373 -7.64 -1.99 -31.94
C MET A 373 -8.56 -2.76 -32.89
N VAL A 374 -8.59 -4.08 -32.80
CA VAL A 374 -9.52 -4.86 -33.63
C VAL A 374 -10.88 -5.00 -32.94
N ALA A 375 -10.95 -4.82 -31.62
CA ALA A 375 -12.24 -4.87 -30.93
C ALA A 375 -13.05 -3.60 -31.14
N VAL A 376 -12.40 -2.49 -31.47
CA VAL A 376 -13.11 -1.27 -31.83
C VAL A 376 -13.78 -1.43 -33.19
N GLU A 377 -13.06 -2.01 -34.15
CA GLU A 377 -13.59 -2.14 -35.51
C GLU A 377 -14.66 -3.21 -35.60
N LEU A 378 -14.51 -4.32 -34.86
CA LEU A 378 -15.51 -5.38 -34.90
C LEU A 378 -16.77 -4.97 -34.15
N PHE A 379 -16.62 -4.26 -33.03
CA PHE A 379 -17.74 -3.87 -32.17
C PHE A 379 -17.75 -2.35 -32.03
N PRO A 380 -18.29 -1.63 -33.01
CA PRO A 380 -18.41 -0.17 -32.88
C PRO A 380 -19.59 0.26 -32.01
N GLN A 381 -20.50 -0.65 -31.67
CA GLN A 381 -21.65 -0.33 -30.86
C GLN A 381 -21.34 -0.32 -29.37
N TYR A 382 -20.15 -0.75 -28.96
CA TYR A 382 -19.77 -0.78 -27.56
C TYR A 382 -19.03 0.48 -27.12
N HIS A 383 -18.68 1.35 -28.06
CA HIS A 383 -17.93 2.60 -27.84
C HIS A 383 -16.61 2.33 -27.10
N LEU A 384 -15.75 1.59 -27.78
CA LEU A 384 -14.59 1.01 -27.14
C LEU A 384 -13.38 1.93 -27.24
N GLU A 385 -12.33 1.55 -26.51
CA GLU A 385 -11.07 2.27 -26.48
C GLU A 385 -9.95 1.24 -26.36
N ALA A 386 -8.94 1.35 -27.22
CA ALA A 386 -7.86 0.38 -27.23
C ALA A 386 -6.96 0.48 -26.00
N GLY A 387 -7.00 1.60 -25.28
CA GLY A 387 -6.19 1.74 -24.10
C GLY A 387 -6.69 0.99 -22.89
N THR A 388 -7.98 0.67 -22.84
CA THR A 388 -8.50 -0.10 -21.73
C THR A 388 -8.10 -1.57 -21.84
N PHE A 389 -7.98 -2.08 -23.07
CA PHE A 389 -7.50 -3.44 -23.28
C PHE A 389 -6.00 -3.55 -23.08
N ALA A 390 -5.27 -2.45 -23.26
CA ALA A 390 -3.84 -2.46 -23.04
C ALA A 390 -3.50 -2.51 -21.56
N ILE A 391 -4.21 -1.74 -20.75
CA ILE A 391 -3.98 -1.75 -19.31
C ILE A 391 -4.50 -3.05 -18.69
N ALA A 392 -5.57 -3.61 -19.25
CA ALA A 392 -6.04 -4.92 -18.81
C ALA A 392 -5.05 -6.02 -19.21
N GLY A 393 -4.61 -6.01 -20.47
CA GLY A 393 -3.64 -6.97 -20.95
C GLY A 393 -2.20 -6.72 -20.54
N MET A 394 -1.93 -5.66 -19.77
CA MET A 394 -0.57 -5.41 -19.32
C MET A 394 -0.13 -6.42 -18.28
N GLY A 395 -1.01 -6.76 -17.34
CA GLY A 395 -0.70 -7.73 -16.31
C GLY A 395 -1.30 -9.09 -16.57
N ALA A 396 -1.70 -9.33 -17.82
CA ALA A 396 -2.19 -10.64 -18.22
C ALA A 396 -1.08 -11.55 -18.73
N LEU A 397 0.08 -11.00 -19.05
CA LEU A 397 1.28 -11.82 -19.27
C LEU A 397 2.04 -12.07 -17.98
N LEU A 398 1.79 -11.27 -16.94
CA LEU A 398 2.26 -11.57 -15.59
C LEU A 398 1.29 -12.44 -14.82
N ALA A 399 0.38 -13.13 -15.52
CA ALA A 399 -0.58 -14.03 -14.90
C ALA A 399 -0.54 -15.38 -15.60
N ALA A 400 -0.19 -15.37 -16.88
CA ALA A 400 -0.12 -16.57 -17.69
C ALA A 400 1.29 -17.13 -17.76
N SER A 401 2.26 -16.27 -18.07
CA SER A 401 3.65 -16.71 -18.15
C SER A 401 4.23 -16.92 -16.76
N ILE A 402 4.26 -15.86 -15.96
CA ILE A 402 4.62 -15.94 -14.55
C ILE A 402 3.31 -16.04 -13.79
N ARG A 403 2.96 -17.23 -13.30
CA ARG A 403 1.63 -17.46 -12.77
C ARG A 403 1.51 -16.82 -11.38
N ALA A 404 1.28 -15.51 -11.41
CA ALA A 404 0.90 -14.75 -10.22
C ALA A 404 -0.15 -13.74 -10.63
N PRO A 405 -1.42 -14.17 -10.72
CA PRO A 405 -2.44 -13.26 -11.25
C PRO A 405 -2.83 -12.15 -10.29
N LEU A 406 -2.83 -12.42 -8.99
CA LEU A 406 -3.18 -11.40 -8.02
C LEU A 406 -2.10 -10.33 -7.91
N THR A 407 -0.83 -10.73 -8.06
CA THR A 407 0.26 -9.76 -8.05
C THR A 407 0.25 -8.90 -9.30
N GLY A 408 -0.02 -9.52 -10.46
CA GLY A 408 -0.01 -8.80 -11.72
C GLY A 408 -1.15 -7.82 -11.89
N ILE A 409 -2.26 -8.02 -11.19
CA ILE A 409 -3.39 -7.10 -11.31
C ILE A 409 -3.14 -5.84 -10.48
N ILE A 410 -2.73 -6.00 -9.22
CA ILE A 410 -2.53 -4.85 -8.35
C ILE A 410 -1.23 -4.10 -8.70
N LEU A 411 -0.31 -4.75 -9.41
CA LEU A 411 0.88 -4.05 -9.91
C LEU A 411 0.52 -3.05 -10.99
N VAL A 412 -0.35 -3.45 -11.92
CA VAL A 412 -0.76 -2.56 -13.00
C VAL A 412 -1.65 -1.44 -12.46
N LEU A 413 -2.47 -1.74 -11.45
CA LEU A 413 -3.29 -0.71 -10.82
C LEU A 413 -2.47 0.30 -10.03
N GLU A 414 -1.34 -0.14 -9.45
CA GLU A 414 -0.52 0.78 -8.68
C GLU A 414 0.39 1.60 -9.59
N MET A 415 0.91 0.99 -10.65
CA MET A 415 1.71 1.72 -11.61
C MET A 415 0.84 2.64 -12.45
N THR A 416 -0.20 2.10 -13.06
CA THR A 416 -1.16 2.85 -13.86
C THR A 416 -2.40 3.09 -12.99
N ASP A 417 -2.61 4.34 -12.57
CA ASP A 417 -3.72 4.66 -11.66
C ASP A 417 -5.03 4.72 -12.44
N ASN A 418 -5.49 3.54 -12.86
CA ASN A 418 -6.81 3.36 -13.45
C ASN A 418 -7.49 2.26 -12.64
N TYR A 419 -8.11 2.67 -11.53
CA TYR A 419 -8.73 1.74 -10.62
C TYR A 419 -10.15 1.38 -11.04
N GLN A 420 -10.73 2.11 -11.99
CA GLN A 420 -12.04 1.74 -12.52
C GLN A 420 -11.94 0.57 -13.49
N LEU A 421 -10.74 0.29 -13.98
CA LEU A 421 -10.49 -0.89 -14.82
C LEU A 421 -10.05 -2.07 -13.96
N ILE A 422 -10.82 -2.38 -12.92
CA ILE A 422 -10.51 -3.53 -12.07
C ILE A 422 -11.28 -4.76 -12.52
N LEU A 423 -12.56 -4.62 -12.84
CA LEU A 423 -13.40 -5.73 -13.28
C LEU A 423 -12.99 -6.26 -14.66
N PRO A 424 -12.51 -5.45 -15.62
CA PRO A 424 -11.81 -6.06 -16.75
C PRO A 424 -10.52 -6.76 -16.40
N MET A 425 -9.82 -6.31 -15.35
CA MET A 425 -8.53 -6.91 -14.99
C MET A 425 -8.69 -8.26 -14.31
N ILE A 426 -9.75 -8.44 -13.50
CA ILE A 426 -10.01 -9.75 -12.92
C ILE A 426 -10.46 -10.73 -14.00
N ILE A 427 -11.22 -10.24 -14.99
CA ILE A 427 -11.74 -11.10 -16.04
C ILE A 427 -10.60 -11.55 -16.97
N THR A 428 -9.69 -10.64 -17.32
CA THR A 428 -8.57 -11.00 -18.18
C THR A 428 -7.37 -11.53 -17.42
N GLY A 429 -7.32 -11.39 -16.10
CA GLY A 429 -6.18 -11.84 -15.34
C GLY A 429 -6.38 -13.21 -14.76
N LEU A 430 -7.64 -13.56 -14.50
CA LEU A 430 -7.99 -14.90 -14.02
C LEU A 430 -8.40 -15.83 -15.14
N GLY A 431 -8.80 -15.30 -16.29
CA GLY A 431 -9.06 -16.12 -17.45
C GLY A 431 -7.77 -16.47 -18.16
N ALA A 432 -6.71 -15.72 -17.89
CA ALA A 432 -5.39 -16.03 -18.42
C ALA A 432 -4.72 -17.13 -17.60
N THR A 433 -4.79 -17.02 -16.27
CA THR A 433 -4.17 -18.01 -15.41
C THR A 433 -5.01 -19.28 -15.25
N LEU A 434 -6.25 -19.28 -15.73
CA LEU A 434 -7.03 -20.52 -15.76
C LEU A 434 -6.67 -21.35 -16.99
N LEU A 435 -6.43 -20.69 -18.12
CA LEU A 435 -6.05 -21.39 -19.33
C LEU A 435 -4.55 -21.62 -19.42
N ALA A 436 -3.76 -20.94 -18.58
CA ALA A 436 -2.34 -21.25 -18.48
C ALA A 436 -2.11 -22.61 -17.81
N GLN A 437 -3.02 -23.01 -16.92
CA GLN A 437 -2.96 -24.34 -16.32
C GLN A 437 -3.57 -25.39 -17.23
N PHE A 438 -4.59 -25.02 -18.01
CA PHE A 438 -5.24 -25.99 -18.88
C PHE A 438 -4.34 -26.38 -20.05
N THR A 439 -3.68 -25.41 -20.67
CA THR A 439 -2.72 -25.71 -21.71
C THR A 439 -1.45 -26.32 -21.16
N GLY A 440 -1.14 -26.11 -19.89
CA GLY A 440 0.00 -26.74 -19.27
C GLY A 440 1.20 -25.83 -19.18
N GLY A 441 1.44 -25.26 -18.00
CA GLY A 441 2.57 -24.37 -17.85
C GLY A 441 2.91 -24.06 -16.41
N LYS A 442 4.18 -24.22 -16.06
CA LYS A 442 4.71 -23.79 -14.78
C LYS A 442 4.90 -22.27 -14.78
N PRO A 443 5.05 -21.65 -13.62
CA PRO A 443 5.55 -20.27 -13.60
C PRO A 443 6.97 -20.21 -14.14
N LEU A 444 7.33 -19.04 -14.66
CA LEU A 444 8.62 -18.90 -15.32
C LEU A 444 9.76 -18.94 -14.31
N TYR A 445 9.59 -18.31 -13.15
CA TYR A 445 10.63 -18.32 -12.14
C TYR A 445 10.78 -19.69 -11.50
N SER A 446 9.71 -20.48 -11.46
CA SER A 446 9.81 -21.85 -11.00
C SER A 446 10.45 -22.75 -12.06
N ALA A 447 10.18 -22.49 -13.33
CA ALA A 447 10.78 -23.29 -14.40
C ALA A 447 12.26 -22.99 -14.58
N ILE A 448 12.68 -21.75 -14.33
CA ILE A 448 14.10 -21.42 -14.38
C ILE A 448 14.83 -22.02 -13.19
N LEU A 449 14.19 -22.01 -12.02
CA LEU A 449 14.83 -22.52 -10.80
C LEU A 449 15.04 -24.02 -10.85
N CYS A 450 14.06 -24.78 -11.31
CA CYS A 450 14.22 -26.22 -11.46
C CYS A 450 15.07 -26.62 -12.65
N ARG A 451 15.55 -25.67 -13.45
CA ARG A 451 16.57 -25.94 -14.46
C ARG A 451 17.97 -25.55 -14.00
N THR A 452 18.08 -24.74 -12.95
CA THR A 452 19.36 -24.48 -12.31
C THR A 452 19.61 -25.40 -11.12
N LEU A 453 18.55 -25.91 -10.49
CA LEU A 453 18.71 -26.94 -9.47
C LEU A 453 19.04 -28.28 -10.11
N ALA A 454 18.47 -28.56 -11.27
CA ALA A 454 18.77 -29.79 -12.00
C ALA A 454 20.16 -29.79 -12.61
N LYS A 455 20.83 -28.65 -12.69
CA LYS A 455 22.19 -28.61 -13.21
C LYS A 455 23.24 -28.48 -12.11
N GLN A 456 22.90 -27.91 -10.95
CA GLN A 456 23.85 -27.96 -9.84
C GLN A 456 23.89 -29.35 -9.21
N GLU A 457 22.87 -30.17 -9.41
CA GLU A 457 22.90 -31.56 -9.02
C GLU A 457 23.41 -32.46 -10.14
N ALA A 458 23.77 -31.89 -11.29
CA ALA A 458 24.38 -32.61 -12.39
C ALA A 458 25.89 -32.71 -12.26
N GLU A 459 26.51 -31.97 -11.33
CA GLU A 459 27.90 -32.19 -10.96
C GLU A 459 28.02 -33.00 -9.69
N GLN A 460 27.17 -32.72 -8.70
CA GLN A 460 27.13 -33.49 -7.46
C GLN A 460 26.32 -34.74 -7.72
N LEU A 461 26.98 -35.79 -8.18
CA LEU A 461 26.32 -37.04 -8.50
C LEU A 461 26.06 -37.85 -7.23
N LYS B 30 -12.53 -25.11 -4.39
CA LYS B 30 -13.12 -25.90 -3.32
C LYS B 30 -13.20 -25.09 -2.03
N THR B 31 -12.51 -25.55 -0.99
CA THR B 31 -12.50 -24.89 0.31
C THR B 31 -11.62 -23.64 0.38
N PRO B 32 -10.28 -23.66 0.01
CA PRO B 32 -9.48 -22.46 0.26
C PRO B 32 -9.72 -21.33 -0.73
N LEU B 33 -10.02 -21.66 -1.98
CA LEU B 33 -10.28 -20.65 -3.00
C LEU B 33 -11.64 -19.98 -2.82
N ALA B 34 -12.54 -20.58 -2.04
CA ALA B 34 -13.83 -19.97 -1.79
C ALA B 34 -13.71 -18.72 -0.92
N ILE B 35 -12.94 -18.82 0.17
CA ILE B 35 -12.81 -17.68 1.09
C ILE B 35 -11.92 -16.60 0.52
N LEU B 36 -11.12 -16.91 -0.51
CA LEU B 36 -10.36 -15.88 -1.20
C LEU B 36 -11.25 -15.08 -2.15
N PHE B 37 -12.26 -15.71 -2.74
CA PHE B 37 -13.21 -15.01 -3.58
C PHE B 37 -14.11 -14.10 -2.74
N MET B 38 -14.55 -14.59 -1.58
CA MET B 38 -15.40 -13.80 -0.70
C MET B 38 -14.65 -12.66 -0.03
N ALA B 39 -13.32 -12.75 0.05
CA ALA B 39 -12.52 -11.62 0.51
C ALA B 39 -12.62 -10.44 -0.45
N ALA B 40 -12.64 -10.72 -1.75
CA ALA B 40 -12.87 -9.66 -2.73
C ALA B 40 -14.32 -9.19 -2.70
N VAL B 41 -15.25 -10.04 -2.27
CA VAL B 41 -16.64 -9.63 -2.17
C VAL B 41 -16.84 -8.71 -0.98
N VAL B 42 -16.23 -9.01 0.17
CA VAL B 42 -16.44 -8.19 1.34
C VAL B 42 -15.68 -6.87 1.22
N GLY B 43 -14.47 -6.89 0.64
CA GLY B 43 -13.70 -5.67 0.50
C GLY B 43 -14.30 -4.69 -0.49
N THR B 44 -14.96 -5.21 -1.54
CA THR B 44 -15.76 -4.36 -2.41
C THR B 44 -16.96 -3.79 -1.65
N LEU B 45 -17.59 -4.61 -0.82
CA LEU B 45 -18.75 -4.15 -0.06
C LEU B 45 -18.37 -3.20 1.07
N VAL B 46 -17.19 -3.39 1.65
CA VAL B 46 -16.70 -2.46 2.67
C VAL B 46 -16.33 -1.12 2.04
N GLY B 47 -15.56 -1.17 0.95
CA GLY B 47 -15.12 0.03 0.26
C GLY B 47 -16.22 0.81 -0.41
N LEU B 48 -17.35 0.16 -0.72
CA LEU B 48 -18.49 0.89 -1.25
C LEU B 48 -19.33 1.49 -0.14
N ALA B 49 -19.47 0.76 0.98
CA ALA B 49 -20.20 1.28 2.12
C ALA B 49 -19.42 2.34 2.89
N ALA B 50 -18.10 2.37 2.75
CA ALA B 50 -17.31 3.44 3.35
C ALA B 50 -17.32 4.70 2.48
N VAL B 51 -17.35 4.54 1.16
CA VAL B 51 -17.49 5.69 0.27
C VAL B 51 -18.86 6.31 0.41
N ALA B 52 -19.91 5.47 0.48
CA ALA B 52 -21.27 5.96 0.70
C ALA B 52 -21.43 6.56 2.10
N PHE B 53 -20.63 6.11 3.07
CA PHE B 53 -20.64 6.75 4.37
C PHE B 53 -19.93 8.09 4.32
N ASP B 54 -18.78 8.17 3.65
CA ASP B 54 -18.03 9.42 3.57
C ASP B 54 -18.75 10.46 2.73
N LYS B 55 -19.38 10.02 1.64
CA LYS B 55 -20.15 10.96 0.82
C LYS B 55 -21.45 11.35 1.49
N GLY B 56 -21.99 10.50 2.36
CA GLY B 56 -23.19 10.85 3.09
C GLY B 56 -22.95 11.76 4.26
N VAL B 57 -21.82 11.60 4.95
CA VAL B 57 -21.44 12.52 6.02
C VAL B 57 -21.14 13.90 5.44
N ALA B 58 -20.43 13.95 4.32
CA ALA B 58 -20.17 15.21 3.64
C ALA B 58 -21.41 15.82 3.01
N TRP B 59 -22.44 15.01 2.71
CA TRP B 59 -23.68 15.56 2.23
C TRP B 59 -24.47 16.23 3.35
N LEU B 60 -24.55 15.56 4.52
CA LEU B 60 -25.22 16.16 5.66
C LEU B 60 -24.47 17.35 6.21
N GLN B 61 -23.14 17.37 6.05
CA GLN B 61 -22.36 18.50 6.55
C GLN B 61 -22.51 19.73 5.67
N ASN B 62 -22.52 19.55 4.36
CA ASN B 62 -22.71 20.66 3.42
C ASN B 62 -24.16 20.92 3.10
N GLN B 63 -25.09 20.45 3.92
CA GLN B 63 -26.50 20.83 3.84
C GLN B 63 -26.96 21.63 5.05
N ARG B 64 -26.36 21.41 6.22
CA ARG B 64 -26.60 22.27 7.37
C ARG B 64 -25.62 23.44 7.44
N MET B 65 -24.51 23.35 6.71
CA MET B 65 -23.62 24.49 6.50
C MET B 65 -23.83 25.13 5.14
N GLY B 66 -24.64 24.53 4.28
CA GLY B 66 -25.08 25.17 3.07
C GLY B 66 -26.30 26.03 3.35
N ALA B 67 -27.09 25.59 4.34
CA ALA B 67 -28.19 26.39 4.87
C ALA B 67 -27.74 27.28 6.02
N LEU B 68 -26.45 27.60 6.09
CA LEU B 68 -25.89 28.46 7.13
C LEU B 68 -25.88 29.92 6.69
N VAL B 69 -25.35 30.19 5.48
CA VAL B 69 -25.35 31.54 4.94
C VAL B 69 -26.71 31.92 4.37
N HIS B 70 -27.61 30.93 4.19
CA HIS B 70 -28.99 31.20 3.78
C HIS B 70 -29.78 31.93 4.86
N THR B 71 -29.32 31.93 6.11
CA THR B 71 -29.97 32.63 7.20
C THR B 71 -29.03 33.74 7.71
N ALA B 72 -28.45 34.50 6.79
CA ALA B 72 -27.57 35.61 7.15
C ALA B 72 -28.34 36.92 7.25
N ASP B 73 -29.42 36.89 8.02
CA ASP B 73 -30.20 38.08 8.36
C ASP B 73 -30.54 38.18 9.82
N ASN B 74 -30.50 37.07 10.57
CA ASN B 74 -30.82 37.04 12.00
C ASN B 74 -29.80 36.14 12.67
N TYR B 75 -28.76 36.75 13.25
CA TYR B 75 -27.71 36.02 13.95
C TYR B 75 -28.17 35.24 15.18
N PRO B 76 -29.09 35.71 16.04
CA PRO B 76 -29.58 34.80 17.09
C PRO B 76 -30.42 33.65 16.55
N LEU B 77 -31.13 33.85 15.43
CA LEU B 77 -31.89 32.75 14.85
C LEU B 77 -30.99 31.78 14.10
N LEU B 78 -29.83 32.22 13.63
CA LEU B 78 -28.88 31.32 12.99
C LEU B 78 -28.13 30.48 14.01
N LEU B 79 -27.96 30.99 15.23
CA LEU B 79 -27.43 30.17 16.31
C LEU B 79 -28.41 29.11 16.78
N THR B 80 -29.70 29.27 16.47
CA THR B 80 -30.71 28.30 16.81
C THR B 80 -30.85 27.21 15.75
N VAL B 81 -30.70 27.56 14.48
CA VAL B 81 -30.83 26.59 13.40
C VAL B 81 -29.45 26.02 13.04
N ALA B 82 -28.44 26.36 13.84
CA ALA B 82 -27.19 25.61 13.86
C ALA B 82 -27.11 24.64 15.02
N PHE B 83 -27.72 25.00 16.16
CA PHE B 83 -27.89 24.07 17.25
C PHE B 83 -28.86 22.95 16.87
N LEU B 84 -30.10 23.34 16.53
CA LEU B 84 -31.18 22.36 16.42
C LEU B 84 -31.07 21.50 15.17
N ALA B 85 -30.43 22.00 14.12
CA ALA B 85 -30.25 21.18 12.92
C ALA B 85 -29.20 20.12 13.13
N SER B 86 -28.24 20.36 14.02
CA SER B 86 -27.24 19.36 14.37
C SER B 86 -27.62 18.57 15.62
N ALA B 87 -28.54 19.07 16.43
CA ALA B 87 -28.99 18.32 17.60
C ALA B 87 -29.87 17.15 17.20
N VAL B 88 -30.87 17.39 16.33
CA VAL B 88 -31.78 16.34 15.91
C VAL B 88 -31.09 15.36 14.96
N LEU B 89 -30.02 15.79 14.30
CA LEU B 89 -29.17 14.84 13.58
C LEU B 89 -28.42 13.95 14.56
N ALA B 90 -27.95 14.52 15.66
CA ALA B 90 -27.29 13.72 16.68
C ALA B 90 -28.29 12.86 17.44
N MET B 91 -29.51 13.40 17.68
CA MET B 91 -30.55 12.63 18.36
C MET B 91 -31.01 11.44 17.51
N PHE B 92 -30.89 11.53 16.19
CA PHE B 92 -31.15 10.36 15.36
C PHE B 92 -30.03 9.32 15.49
N GLY B 93 -28.80 9.76 15.76
CA GLY B 93 -27.71 8.83 15.94
C GLY B 93 -27.60 8.22 17.31
N TYR B 94 -28.08 8.94 18.34
CA TYR B 94 -28.09 8.42 19.70
C TYR B 94 -29.30 7.53 19.96
N PHE B 95 -30.35 7.62 19.16
CA PHE B 95 -31.55 6.81 19.35
C PHE B 95 -31.48 5.49 18.60
N LEU B 96 -30.86 5.49 17.42
CA LEU B 96 -30.65 4.25 16.68
C LEU B 96 -29.73 3.29 17.44
N VAL B 97 -28.79 3.83 18.21
CA VAL B 97 -27.90 2.99 18.99
C VAL B 97 -28.63 2.42 20.21
N ARG B 98 -29.29 3.27 20.98
CA ARG B 98 -29.88 2.82 22.23
C ARG B 98 -31.13 1.97 22.06
N LYS B 99 -31.84 2.13 20.95
CA LYS B 99 -33.03 1.30 20.75
C LYS B 99 -32.68 -0.03 20.11
N TYR B 100 -31.83 -0.03 19.08
CA TYR B 100 -31.62 -1.22 18.26
C TYR B 100 -30.33 -1.96 18.60
N ALA B 101 -29.17 -1.34 18.38
CA ALA B 101 -27.90 -2.01 18.61
C ALA B 101 -27.04 -1.21 19.58
N PRO B 102 -27.09 -1.52 20.88
CA PRO B 102 -26.25 -0.81 21.84
C PRO B 102 -24.76 -1.09 21.72
N GLU B 103 -24.37 -2.08 20.93
CA GLU B 103 -22.96 -2.34 20.62
C GLU B 103 -22.47 -1.55 19.43
N ALA B 104 -23.24 -0.56 18.97
CA ALA B 104 -22.82 0.35 17.92
C ALA B 104 -22.44 1.72 18.45
N GLY B 105 -22.55 1.94 19.77
CA GLY B 105 -22.20 3.21 20.35
C GLY B 105 -20.73 3.24 20.70
N GLY B 106 -20.07 4.34 20.32
CA GLY B 106 -18.65 4.45 20.53
C GLY B 106 -17.90 4.26 19.23
N SER B 107 -16.67 3.76 19.31
CA SER B 107 -15.90 3.53 18.10
C SER B 107 -16.41 2.32 17.33
N GLY B 108 -16.35 1.14 17.93
CA GLY B 108 -16.62 -0.10 17.25
C GLY B 108 -15.40 -0.94 17.02
N ILE B 109 -14.21 -0.37 17.20
CA ILE B 109 -12.97 -1.14 17.21
C ILE B 109 -12.89 -2.02 18.45
N PRO B 110 -13.30 -1.59 19.70
CA PRO B 110 -13.42 -2.61 20.76
C PRO B 110 -14.75 -3.35 20.75
N GLU B 111 -15.23 -3.69 19.57
CA GLU B 111 -16.31 -4.65 19.36
C GLU B 111 -16.01 -5.62 18.24
N ILE B 112 -15.14 -5.27 17.30
CA ILE B 112 -14.62 -6.21 16.32
C ILE B 112 -13.38 -6.93 16.86
N GLU B 113 -12.55 -6.24 17.63
CA GLU B 113 -11.40 -6.87 18.26
C GLU B 113 -11.79 -7.77 19.43
N GLY B 114 -13.01 -7.66 19.94
CA GLY B 114 -13.51 -8.61 20.90
C GLY B 114 -14.29 -9.69 20.22
N ALA B 115 -14.69 -9.42 18.98
CA ALA B 115 -15.34 -10.42 18.14
C ALA B 115 -14.34 -11.38 17.53
N LEU B 116 -13.10 -10.93 17.30
CA LEU B 116 -12.04 -11.79 16.83
C LEU B 116 -11.53 -12.71 17.93
N GLU B 117 -11.81 -12.38 19.19
CA GLU B 117 -11.47 -13.22 20.33
C GLU B 117 -12.64 -14.11 20.75
N ASP B 118 -13.73 -14.12 19.98
CA ASP B 118 -14.95 -14.90 20.25
C ASP B 118 -15.55 -14.56 21.61
N GLN B 119 -15.78 -13.28 21.85
CA GLN B 119 -16.33 -12.82 23.11
C GLN B 119 -17.52 -11.91 22.91
N ARG B 120 -17.58 -11.25 21.75
CA ARG B 120 -18.69 -10.38 21.40
C ARG B 120 -19.38 -10.89 20.15
N PRO B 121 -20.71 -10.80 20.08
CA PRO B 121 -21.41 -11.21 18.85
C PRO B 121 -21.29 -10.16 17.77
N VAL B 122 -21.46 -10.60 16.53
CA VAL B 122 -21.46 -9.72 15.38
C VAL B 122 -22.87 -9.75 14.79
N ARG B 123 -23.68 -8.76 15.14
CA ARG B 123 -25.06 -8.70 14.70
C ARG B 123 -25.16 -7.77 13.49
N TRP B 124 -24.85 -8.35 12.32
CA TRP B 124 -24.73 -7.59 11.08
C TRP B 124 -26.07 -7.12 10.52
N TRP B 125 -27.18 -7.62 11.03
CA TRP B 125 -28.48 -7.19 10.59
C TRP B 125 -28.98 -6.00 11.39
N ARG B 126 -28.37 -5.78 12.55
CA ARG B 126 -28.78 -4.79 13.53
C ARG B 126 -27.78 -3.65 13.64
N VAL B 127 -26.49 -3.96 13.68
CA VAL B 127 -25.45 -2.94 13.82
C VAL B 127 -25.26 -2.20 12.51
N LEU B 128 -25.18 -2.95 11.42
CA LEU B 128 -24.84 -2.37 10.12
C LEU B 128 -25.87 -1.36 9.56
N PRO B 129 -27.19 -1.45 9.84
CA PRO B 129 -28.02 -0.27 9.55
C PRO B 129 -27.78 0.90 10.47
N VAL B 130 -27.57 0.68 11.77
CA VAL B 130 -27.51 1.80 12.72
C VAL B 130 -26.11 2.34 12.94
N LYS B 131 -25.08 1.64 12.48
CA LYS B 131 -23.75 2.25 12.44
C LYS B 131 -23.58 3.10 11.21
N PHE B 132 -24.40 2.89 10.18
CA PHE B 132 -24.42 3.71 8.99
C PHE B 132 -25.34 4.92 9.17
N PHE B 133 -26.62 4.68 9.41
CA PHE B 133 -27.58 5.76 9.52
C PHE B 133 -27.49 6.50 10.85
N GLY B 134 -26.97 5.85 11.89
CA GLY B 134 -26.66 6.57 13.11
C GLY B 134 -25.35 7.32 13.06
N GLY B 135 -24.46 6.93 12.15
CA GLY B 135 -23.20 7.63 11.95
C GLY B 135 -23.32 8.77 10.97
N LEU B 136 -24.31 8.72 10.07
CA LEU B 136 -24.54 9.83 9.17
C LEU B 136 -25.12 11.04 9.90
N GLY B 137 -25.80 10.81 11.02
CA GLY B 137 -26.38 11.90 11.79
C GLY B 137 -25.46 12.37 12.90
N THR B 138 -24.61 11.47 13.39
CA THR B 138 -23.62 11.85 14.39
C THR B 138 -22.45 12.60 13.76
N LEU B 139 -21.85 12.02 12.72
CA LEU B 139 -20.72 12.67 12.07
C LEU B 139 -21.16 13.81 11.16
N GLY B 140 -22.35 13.71 10.57
CA GLY B 140 -22.89 14.79 9.78
C GLY B 140 -23.45 15.93 10.58
N GLY B 141 -23.54 15.79 11.89
CA GLY B 141 -23.98 16.86 12.76
C GLY B 141 -22.82 17.67 13.30
N GLY B 142 -21.65 17.52 12.70
CA GLY B 142 -20.51 18.30 13.11
C GLY B 142 -19.89 17.89 14.41
N MET B 143 -20.19 16.69 14.91
CA MET B 143 -19.65 16.23 16.18
C MET B 143 -18.20 15.78 16.01
N VAL B 144 -17.48 15.76 17.13
CA VAL B 144 -16.06 15.42 17.10
C VAL B 144 -15.94 13.91 17.15
N LEU B 145 -16.09 13.27 15.99
CA LEU B 145 -15.96 11.84 15.87
C LEU B 145 -15.27 11.54 14.55
N GLY B 146 -14.77 10.32 14.41
CA GLY B 146 -14.12 9.90 13.18
C GLY B 146 -14.98 8.92 12.38
N ARG B 147 -14.60 8.75 11.11
CA ARG B 147 -15.24 7.78 10.24
C ARG B 147 -14.66 6.38 10.39
N GLU B 148 -13.45 6.29 10.95
CA GLU B 148 -12.75 5.02 11.15
C GLU B 148 -13.43 4.12 12.18
N GLY B 149 -14.22 4.69 13.08
CA GLY B 149 -15.01 3.91 14.00
C GLY B 149 -16.14 3.19 13.29
N PRO B 150 -17.07 3.97 12.69
CA PRO B 150 -18.17 3.33 11.96
C PRO B 150 -17.83 2.79 10.58
N THR B 151 -16.56 2.58 10.25
CA THR B 151 -16.21 1.82 9.06
C THR B 151 -15.44 0.55 9.36
N VAL B 152 -14.82 0.44 10.54
CA VAL B 152 -14.26 -0.83 10.98
C VAL B 152 -15.36 -1.74 11.51
N GLN B 153 -16.31 -1.19 12.26
CA GLN B 153 -17.42 -2.02 12.72
C GLN B 153 -18.44 -2.27 11.62
N ILE B 154 -18.60 -1.34 10.68
CA ILE B 154 -19.34 -1.66 9.46
C ILE B 154 -18.55 -2.65 8.62
N GLY B 155 -17.22 -2.52 8.63
CA GLY B 155 -16.39 -3.41 7.83
C GLY B 155 -16.36 -4.84 8.36
N GLY B 156 -16.18 -4.99 9.68
CA GLY B 156 -16.18 -6.31 10.26
C GLY B 156 -17.53 -6.99 10.28
N ASN B 157 -18.61 -6.20 10.23
CA ASN B 157 -19.94 -6.78 10.15
C ASN B 157 -20.30 -7.17 8.73
N ILE B 158 -19.71 -6.53 7.74
CA ILE B 158 -19.95 -6.92 6.35
C ILE B 158 -19.27 -8.26 6.04
N GLY B 159 -18.09 -8.49 6.62
CA GLY B 159 -17.44 -9.78 6.48
C GLY B 159 -18.19 -10.91 7.16
N ARG B 160 -18.87 -10.60 8.26
CA ARG B 160 -19.76 -11.58 8.87
C ARG B 160 -21.09 -11.66 8.12
N MET B 161 -21.50 -10.55 7.46
CA MET B 161 -22.70 -10.58 6.65
C MET B 161 -22.53 -11.51 5.46
N VAL B 162 -21.41 -11.39 4.74
CA VAL B 162 -21.09 -12.40 3.75
C VAL B 162 -20.25 -13.46 4.44
N LEU B 163 -20.88 -14.21 5.34
CA LEU B 163 -20.41 -15.50 5.83
C LEU B 163 -21.66 -16.34 6.05
N ASP B 164 -22.77 -15.65 6.28
CA ASP B 164 -24.06 -16.25 6.58
C ASP B 164 -24.96 -16.29 5.36
N ILE B 165 -24.83 -15.31 4.47
CA ILE B 165 -25.52 -15.37 3.19
C ILE B 165 -24.82 -16.32 2.22
N PHE B 166 -23.57 -16.71 2.52
CA PHE B 166 -22.89 -17.74 1.77
C PHE B 166 -22.74 -19.04 2.55
N ARG B 167 -23.13 -19.04 3.83
CA ARG B 167 -23.27 -20.23 4.69
C ARG B 167 -21.95 -20.99 4.84
N LEU B 168 -20.99 -20.32 5.48
CA LEU B 168 -19.70 -20.95 5.75
C LEU B 168 -19.68 -21.55 7.15
N LYS B 169 -18.85 -22.58 7.30
CA LYS B 169 -18.94 -23.51 8.42
C LYS B 169 -17.76 -23.39 9.40
N GLY B 170 -16.56 -23.13 8.90
CA GLY B 170 -15.40 -23.11 9.76
C GLY B 170 -15.33 -21.89 10.64
N ASP B 171 -14.53 -22.00 11.71
CA ASP B 171 -14.35 -20.92 12.67
C ASP B 171 -13.18 -20.02 12.30
N GLU B 172 -12.10 -20.56 11.74
CA GLU B 172 -11.04 -19.70 11.25
C GLU B 172 -11.38 -19.08 9.90
N ALA B 173 -12.29 -19.68 9.15
CA ALA B 173 -12.88 -19.02 7.99
C ALA B 173 -13.83 -17.90 8.40
N ARG B 174 -14.33 -17.94 9.63
CA ARG B 174 -15.09 -16.83 10.19
C ARG B 174 -14.18 -15.70 10.62
N HIS B 175 -13.03 -16.03 11.20
CA HIS B 175 -12.10 -15.02 11.69
C HIS B 175 -11.30 -14.36 10.57
N THR B 176 -11.10 -15.04 9.44
CA THR B 176 -10.38 -14.42 8.33
C THR B 176 -11.28 -13.62 7.41
N LEU B 177 -12.60 -13.67 7.62
CA LEU B 177 -13.53 -12.75 6.97
C LEU B 177 -13.92 -11.59 7.86
N LEU B 178 -13.83 -11.78 9.18
CA LEU B 178 -14.09 -10.70 10.12
C LEU B 178 -12.89 -9.76 10.24
N ALA B 179 -11.66 -10.30 10.12
CA ALA B 179 -10.47 -9.48 10.09
C ALA B 179 -10.19 -8.89 8.72
N THR B 180 -10.79 -9.47 7.66
CA THR B 180 -10.62 -8.91 6.32
C THR B 180 -11.38 -7.60 6.18
N GLY B 181 -12.65 -7.58 6.60
CA GLY B 181 -13.43 -6.36 6.50
C GLY B 181 -13.05 -5.30 7.51
N ALA B 182 -12.54 -5.71 8.67
CA ALA B 182 -12.05 -4.75 9.65
C ALA B 182 -10.79 -4.05 9.16
N ALA B 183 -9.87 -4.81 8.55
CA ALA B 183 -8.69 -4.21 7.95
C ALA B 183 -9.01 -3.45 6.68
N ALA B 184 -10.10 -3.81 5.99
CA ALA B 184 -10.60 -3.04 4.87
C ALA B 184 -11.34 -1.78 5.30
N GLY B 185 -11.64 -1.64 6.59
CA GLY B 185 -12.31 -0.48 7.11
C GLY B 185 -11.39 0.71 7.27
N LEU B 186 -10.15 0.48 7.72
CA LEU B 186 -9.19 1.59 7.78
C LEU B 186 -8.69 1.96 6.39
N ALA B 187 -8.61 0.97 5.49
CA ALA B 187 -8.07 1.21 4.17
C ALA B 187 -9.03 1.98 3.28
N ALA B 188 -10.30 2.03 3.62
CA ALA B 188 -11.29 2.81 2.88
C ALA B 188 -11.75 4.04 3.64
N ALA B 189 -11.29 4.23 4.87
CA ALA B 189 -11.55 5.47 5.59
C ALA B 189 -10.41 6.46 5.43
N PHE B 190 -9.18 5.95 5.39
CA PHE B 190 -7.99 6.80 5.33
C PHE B 190 -7.24 6.67 4.01
N ASN B 191 -7.70 5.81 3.09
CA ASN B 191 -6.99 5.42 1.87
C ASN B 191 -5.59 4.91 2.18
N ALA B 192 -5.47 4.14 3.27
CA ALA B 192 -4.20 3.63 3.75
C ALA B 192 -4.27 2.12 3.83
N PRO B 193 -3.99 1.40 2.74
CA PRO B 193 -3.96 -0.07 2.82
C PRO B 193 -2.82 -0.62 3.65
N LEU B 194 -1.71 0.11 3.73
CA LEU B 194 -0.59 -0.37 4.56
C LEU B 194 -0.91 -0.23 6.03
N ALA B 195 -1.66 0.80 6.42
CA ALA B 195 -2.09 0.96 7.79
C ALA B 195 -3.31 0.10 8.13
N GLY B 196 -4.06 -0.34 7.13
CA GLY B 196 -5.18 -1.23 7.40
C GLY B 196 -4.73 -2.62 7.78
N ILE B 197 -3.71 -3.14 7.09
CA ILE B 197 -3.14 -4.44 7.46
C ILE B 197 -2.39 -4.34 8.78
N LEU B 198 -1.61 -3.27 8.98
CA LEU B 198 -0.78 -3.15 10.17
C LEU B 198 -1.58 -2.87 11.43
N PHE B 199 -2.84 -2.44 11.32
CA PHE B 199 -3.64 -2.18 12.50
C PHE B 199 -4.23 -3.45 13.10
N ILE B 200 -4.56 -4.45 12.27
CA ILE B 200 -5.09 -5.70 12.79
C ILE B 200 -4.00 -6.66 13.22
N ILE B 201 -2.74 -6.25 13.17
CA ILE B 201 -1.66 -7.04 13.75
C ILE B 201 -1.25 -6.48 15.11
N GLU B 202 -1.16 -5.16 15.22
CA GLU B 202 -0.73 -4.54 16.46
C GLU B 202 -1.84 -4.57 17.51
N GLU B 203 -3.08 -4.30 17.11
CA GLU B 203 -4.17 -4.11 18.05
C GLU B 203 -5.17 -5.25 18.10
N MET B 204 -5.45 -5.90 16.98
CA MET B 204 -6.58 -6.81 16.91
C MET B 204 -6.21 -8.29 17.07
N ARG B 205 -5.02 -8.70 16.63
CA ARG B 205 -4.66 -10.10 16.65
C ARG B 205 -3.37 -10.31 17.43
N PRO B 206 -3.31 -11.29 18.35
CA PRO B 206 -2.04 -11.60 19.02
C PRO B 206 -1.21 -12.59 18.22
N GLN B 207 -0.07 -13.02 18.77
CA GLN B 207 0.80 -13.93 18.05
C GLN B 207 0.23 -15.34 18.03
N PHE B 208 0.35 -16.00 16.88
CA PHE B 208 -0.20 -17.34 16.65
C PHE B 208 0.57 -17.95 15.49
N ARG B 209 0.04 -19.04 14.95
CA ARG B 209 0.52 -19.63 13.70
C ARG B 209 -0.55 -19.35 12.65
N TYR B 210 -0.23 -18.49 11.69
CA TYR B 210 -1.21 -17.95 10.77
C TYR B 210 -1.14 -18.68 9.43
N THR B 211 -2.29 -19.17 8.97
CA THR B 211 -2.39 -19.83 7.69
C THR B 211 -2.17 -18.80 6.57
N LEU B 212 -1.55 -19.25 5.48
CA LEU B 212 -1.18 -18.33 4.40
C LEU B 212 -2.41 -17.78 3.69
N ILE B 213 -3.47 -18.59 3.55
CA ILE B 213 -4.69 -18.09 2.93
C ILE B 213 -5.45 -17.16 3.85
N SER B 214 -5.19 -17.22 5.16
CA SER B 214 -5.73 -16.22 6.08
C SER B 214 -5.02 -14.88 5.87
N ILE B 215 -3.72 -14.92 5.60
CA ILE B 215 -2.98 -13.69 5.30
C ILE B 215 -3.32 -13.21 3.90
N LYS B 216 -3.56 -14.14 2.97
CA LYS B 216 -3.86 -13.76 1.60
C LYS B 216 -5.26 -13.16 1.48
N ALA B 217 -6.25 -13.71 2.21
CA ALA B 217 -7.60 -13.19 2.13
C ALA B 217 -7.73 -11.84 2.82
N VAL B 218 -6.91 -11.58 3.85
CA VAL B 218 -6.89 -10.25 4.44
C VAL B 218 -6.35 -9.23 3.45
N PHE B 219 -5.37 -9.64 2.63
CA PHE B 219 -4.80 -8.74 1.64
C PHE B 219 -5.76 -8.41 0.50
N ILE B 220 -6.60 -9.38 0.11
CA ILE B 220 -7.50 -9.19 -1.03
C ILE B 220 -8.60 -8.19 -0.70
N GLY B 221 -9.16 -8.26 0.51
CA GLY B 221 -10.20 -7.33 0.89
C GLY B 221 -9.71 -5.92 1.12
N VAL B 222 -8.43 -5.77 1.48
CA VAL B 222 -7.86 -4.45 1.71
C VAL B 222 -7.47 -3.79 0.38
N ILE B 223 -6.97 -4.57 -0.57
CA ILE B 223 -6.65 -3.96 -1.87
C ILE B 223 -7.92 -3.66 -2.64
N MET B 224 -8.99 -4.43 -2.42
CA MET B 224 -10.24 -4.19 -3.15
C MET B 224 -11.03 -3.04 -2.56
N SER B 225 -10.73 -2.62 -1.34
CA SER B 225 -11.40 -1.48 -0.74
C SER B 225 -10.74 -0.15 -1.10
N THR B 226 -9.41 -0.16 -1.26
CA THR B 226 -8.75 1.02 -1.80
C THR B 226 -8.99 1.15 -3.30
N ILE B 227 -9.22 0.03 -3.99
CA ILE B 227 -9.68 0.09 -5.37
C ILE B 227 -11.04 0.77 -5.44
N MET B 228 -11.95 0.42 -4.54
CA MET B 228 -13.26 1.04 -4.48
C MET B 228 -13.21 2.45 -3.92
N TYR B 229 -12.16 2.80 -3.17
CA TYR B 229 -12.02 4.17 -2.68
C TYR B 229 -11.38 5.06 -3.73
N ARG B 230 -10.39 4.56 -4.46
CA ARG B 230 -9.71 5.37 -5.47
C ARG B 230 -10.46 5.41 -6.80
N ILE B 231 -11.57 4.69 -6.93
CA ILE B 231 -12.46 4.92 -8.07
C ILE B 231 -13.17 6.26 -7.92
N PHE B 232 -13.65 6.55 -6.71
CA PHE B 232 -14.48 7.72 -6.47
C PHE B 232 -13.65 8.93 -6.01
N ASN B 233 -12.67 8.71 -5.15
CA ASN B 233 -11.88 9.79 -4.56
C ASN B 233 -10.46 9.71 -5.10
N HIS B 234 -10.12 10.64 -6.00
CA HIS B 234 -8.82 10.68 -6.66
C HIS B 234 -7.85 11.64 -5.99
N GLU B 235 -7.98 11.84 -4.69
CA GLU B 235 -7.07 12.71 -3.95
C GLU B 235 -5.75 12.00 -3.71
N VAL B 236 -4.64 12.68 -4.02
CA VAL B 236 -3.33 12.10 -3.80
C VAL B 236 -2.94 12.07 -2.33
N ALA B 237 -3.58 12.90 -1.50
CA ALA B 237 -3.32 12.92 -0.06
C ALA B 237 -4.62 13.27 0.64
N LEU B 238 -4.91 12.56 1.73
CA LEU B 238 -6.11 12.85 2.51
C LEU B 238 -5.97 14.17 3.27
N ILE B 239 -4.75 14.55 3.62
CA ILE B 239 -4.45 15.83 4.26
C ILE B 239 -3.36 16.51 3.45
N ASP B 240 -3.63 17.73 3.00
CA ASP B 240 -2.68 18.47 2.17
C ASP B 240 -2.08 19.59 2.99
N VAL B 241 -0.81 19.42 3.39
CA VAL B 241 -0.08 20.45 4.11
C VAL B 241 0.99 21.10 3.24
N GLY B 242 1.35 20.46 2.13
CA GLY B 242 2.16 21.09 1.11
C GLY B 242 3.66 21.05 1.29
N LYS B 243 4.22 19.86 1.47
CA LYS B 243 5.67 19.58 1.38
C LYS B 243 6.47 20.41 2.39
N LEU B 244 6.27 20.07 3.67
CA LEU B 244 6.98 20.74 4.74
C LEU B 244 8.45 20.37 4.74
N SER B 245 9.23 21.09 5.54
CA SER B 245 10.69 21.06 5.49
C SER B 245 11.23 19.74 6.00
N ASP B 246 12.49 19.47 5.68
CA ASP B 246 13.17 18.29 6.20
C ASP B 246 13.88 18.63 7.49
N ALA B 247 13.82 17.70 8.44
CA ALA B 247 14.43 17.91 9.74
C ALA B 247 15.86 17.40 9.73
N PRO B 248 16.86 18.24 9.96
CA PRO B 248 18.25 17.76 10.03
C PRO B 248 18.48 16.89 11.27
N LEU B 249 19.62 16.20 11.25
CA LEU B 249 19.94 15.26 12.32
C LEU B 249 20.27 15.95 13.63
N ASN B 250 20.77 17.19 13.58
CA ASN B 250 21.07 17.93 14.80
C ASN B 250 19.82 18.49 15.47
N THR B 251 18.70 18.53 14.76
CA THR B 251 17.42 18.98 15.31
C THR B 251 16.55 17.82 15.77
N LEU B 252 17.03 16.59 15.63
CA LEU B 252 16.21 15.39 15.73
C LEU B 252 16.00 14.95 17.17
N TRP B 253 16.66 15.57 18.13
CA TRP B 253 16.44 15.29 19.55
C TRP B 253 15.19 15.95 20.10
N LEU B 254 14.64 16.93 19.38
CA LEU B 254 13.44 17.62 19.81
C LEU B 254 12.18 16.79 19.59
N TYR B 255 12.24 15.81 18.68
CA TYR B 255 11.14 14.88 18.51
C TYR B 255 11.12 13.80 19.58
N LEU B 256 12.23 13.62 20.29
CA LEU B 256 12.23 12.73 21.44
C LEU B 256 11.49 13.36 22.61
N ILE B 257 11.65 14.67 22.80
CA ILE B 257 10.92 15.39 23.84
C ILE B 257 9.44 15.49 23.47
N LEU B 258 9.15 15.55 22.17
CA LEU B 258 7.76 15.54 21.71
C LEU B 258 7.10 14.19 21.98
N GLY B 259 7.83 13.09 21.79
CA GLY B 259 7.29 11.79 22.15
C GLY B 259 7.27 11.56 23.65
N ILE B 260 8.18 12.19 24.38
CA ILE B 260 8.17 12.13 25.84
C ILE B 260 6.93 12.84 26.38
N ILE B 261 6.58 13.98 25.79
CA ILE B 261 5.41 14.74 26.22
C ILE B 261 4.12 14.01 25.82
N PHE B 262 4.09 13.45 24.61
CA PHE B 262 2.91 12.69 24.18
C PHE B 262 2.80 11.36 24.91
N GLY B 263 3.93 10.75 25.27
CA GLY B 263 3.91 9.49 25.99
C GLY B 263 3.43 9.59 27.41
N ILE B 264 3.43 10.80 27.98
CA ILE B 264 2.84 11.03 29.29
C ILE B 264 1.36 11.38 29.17
N PHE B 265 1.02 12.26 28.22
CA PHE B 265 -0.36 12.72 28.06
C PHE B 265 -1.28 11.62 27.56
N GLY B 266 -0.75 10.67 26.80
CA GLY B 266 -1.52 9.57 26.25
C GLY B 266 -2.22 8.69 27.28
N PRO B 267 -1.46 8.16 28.25
CA PRO B 267 -2.12 7.51 29.41
C PRO B 267 -3.03 8.42 30.21
N ILE B 268 -2.76 9.72 30.26
CA ILE B 268 -3.66 10.64 30.96
C ILE B 268 -4.95 10.80 30.17
N PHE B 269 -4.84 10.87 28.85
CA PHE B 269 -6.03 10.98 27.99
C PHE B 269 -6.86 9.71 28.01
N ASN B 270 -6.23 8.56 28.26
CA ASN B 270 -6.97 7.30 28.34
C ASN B 270 -7.84 7.24 29.58
N LYS B 271 -7.35 7.77 30.71
CA LYS B 271 -8.18 7.84 31.91
C LYS B 271 -9.26 8.90 31.80
N TRP B 272 -9.11 9.85 30.87
CA TRP B 272 -10.14 10.85 30.63
C TRP B 272 -11.24 10.33 29.72
N VAL B 273 -10.90 9.46 28.78
CA VAL B 273 -11.90 8.82 27.93
C VAL B 273 -12.77 7.89 28.76
N LEU B 274 -12.14 7.05 29.58
CA LEU B 274 -12.88 6.12 30.43
C LEU B 274 -13.45 6.79 31.66
N GLY B 275 -12.97 7.98 32.03
CA GLY B 275 -13.50 8.70 33.15
C GLY B 275 -14.73 9.50 32.78
N MET B 276 -14.70 10.12 31.60
CA MET B 276 -15.89 10.78 31.07
C MET B 276 -16.93 9.77 30.63
N GLN B 277 -16.53 8.53 30.33
CA GLN B 277 -17.51 7.47 30.12
C GLN B 277 -18.26 7.15 31.41
N ASP B 278 -17.55 7.14 32.54
CA ASP B 278 -18.20 6.97 33.84
C ASP B 278 -19.01 8.21 34.22
N LEU B 279 -18.48 9.40 33.91
CA LEU B 279 -19.11 10.64 34.33
C LEU B 279 -20.39 10.91 33.56
N LEU B 280 -20.41 10.59 32.28
CA LEU B 280 -21.60 10.81 31.46
C LEU B 280 -22.63 9.70 31.61
N HIS B 281 -22.27 8.57 32.20
CA HIS B 281 -23.26 7.55 32.56
C HIS B 281 -23.74 7.77 34.00
N ARG B 282 -24.08 9.03 34.29
CA ARG B 282 -24.69 9.45 35.54
C ARG B 282 -25.85 10.41 35.33
N VAL B 283 -25.89 11.12 34.20
CA VAL B 283 -27.08 11.84 33.78
C VAL B 283 -28.22 10.87 33.52
N HIS B 284 -27.88 9.71 32.95
CA HIS B 284 -28.81 8.65 32.64
C HIS B 284 -28.29 7.35 33.22
N GLY B 285 -29.14 6.61 33.91
CA GLY B 285 -28.81 5.22 34.09
C GLY B 285 -29.48 4.41 33.01
N GLY B 286 -28.79 4.22 31.89
CA GLY B 286 -29.30 3.51 30.73
C GLY B 286 -30.62 3.98 30.10
N ASN B 287 -31.14 5.13 30.51
CA ASN B 287 -32.48 5.55 30.11
C ASN B 287 -32.41 6.14 28.70
N ILE B 288 -33.24 5.62 27.80
CA ILE B 288 -33.19 6.02 26.40
C ILE B 288 -33.72 7.44 26.20
N THR B 289 -34.54 7.95 27.12
CA THR B 289 -34.99 9.33 26.99
C THR B 289 -33.93 10.29 27.51
N LYS B 290 -33.25 9.94 28.58
CA LYS B 290 -32.16 10.77 29.10
C LYS B 290 -30.85 10.55 28.36
N TRP B 291 -30.76 9.51 27.52
CA TRP B 291 -29.55 9.32 26.72
C TRP B 291 -29.54 10.24 25.52
N VAL B 292 -30.66 10.30 24.79
CA VAL B 292 -30.71 11.05 23.53
C VAL B 292 -30.97 12.52 23.76
N LEU B 293 -31.47 12.92 24.93
CA LEU B 293 -31.56 14.33 25.25
C LEU B 293 -30.21 14.87 25.70
N MET B 294 -29.42 14.03 26.38
CA MET B 294 -28.03 14.39 26.67
C MET B 294 -27.19 14.37 25.41
N GLY B 295 -27.45 13.41 24.51
CA GLY B 295 -26.71 13.33 23.27
C GLY B 295 -27.08 14.40 22.26
N GLY B 296 -28.28 14.97 22.37
CA GLY B 296 -28.65 16.07 21.51
C GLY B 296 -28.09 17.40 21.99
N ALA B 297 -27.92 17.56 23.30
CA ALA B 297 -27.26 18.75 23.82
C ALA B 297 -25.77 18.72 23.50
N ILE B 298 -25.16 17.54 23.52
CA ILE B 298 -23.77 17.41 23.14
C ILE B 298 -23.59 17.60 21.65
N GLY B 299 -24.42 16.93 20.85
CA GLY B 299 -24.34 17.05 19.40
C GLY B 299 -24.82 18.36 18.84
N GLY B 300 -25.72 19.04 19.55
CA GLY B 300 -26.12 20.38 19.15
C GLY B 300 -25.09 21.43 19.50
N LEU B 301 -24.30 21.19 20.56
CA LEU B 301 -23.20 22.08 20.90
C LEU B 301 -22.09 22.04 19.87
N CYS B 302 -21.87 20.88 19.25
CA CYS B 302 -20.87 20.75 18.20
C CYS B 302 -21.33 21.30 16.86
N GLY B 303 -22.63 21.56 16.72
CA GLY B 303 -23.11 22.34 15.59
C GLY B 303 -23.14 23.81 15.98
N LEU B 304 -23.21 24.06 17.29
CA LEU B 304 -23.14 25.42 17.79
C LEU B 304 -21.71 25.96 17.73
N LEU B 305 -20.75 25.18 18.25
CA LEU B 305 -19.34 25.55 18.15
C LEU B 305 -18.70 24.96 16.89
N GLY B 306 -19.37 25.14 15.76
CA GLY B 306 -18.84 24.74 14.47
C GLY B 306 -19.18 25.87 13.53
N PHE B 307 -19.83 26.87 14.10
CA PHE B 307 -20.16 28.14 13.46
C PHE B 307 -19.45 29.31 14.12
N VAL B 308 -19.48 29.39 15.45
CA VAL B 308 -18.80 30.47 16.13
C VAL B 308 -17.30 30.20 16.32
N ALA B 309 -16.91 28.93 16.35
CA ALA B 309 -15.49 28.55 16.50
C ALA B 309 -15.32 27.21 15.84
N PRO B 310 -15.07 27.19 14.51
CA PRO B 310 -15.10 25.92 13.78
C PRO B 310 -13.91 25.02 14.05
N ALA B 311 -12.84 25.53 14.67
CA ALA B 311 -11.65 24.74 14.93
C ALA B 311 -11.70 24.06 16.29
N THR B 312 -12.81 24.16 17.02
CA THR B 312 -12.98 23.45 18.28
C THR B 312 -13.83 22.21 18.14
N SER B 313 -14.65 22.12 17.10
CA SER B 313 -15.48 20.93 16.86
C SER B 313 -15.24 20.41 15.45
N GLY B 314 -16.10 19.49 15.02
CA GLY B 314 -15.89 18.79 13.76
C GLY B 314 -15.01 17.57 13.95
N GLY B 315 -14.95 16.75 12.91
CA GLY B 315 -14.21 15.51 12.98
C GLY B 315 -12.71 15.70 13.13
N GLY B 316 -12.18 16.81 12.63
CA GLY B 316 -10.80 17.18 12.85
C GLY B 316 -9.93 17.23 11.62
N PHE B 317 -10.40 16.78 10.46
CA PHE B 317 -9.58 16.78 9.26
C PHE B 317 -9.52 18.13 8.58
N ASN B 318 -10.19 19.15 9.12
CA ASN B 318 -10.18 20.48 8.54
C ASN B 318 -9.04 21.34 9.08
N LEU B 319 -8.78 21.27 10.39
CA LEU B 319 -7.79 22.15 11.01
C LEU B 319 -6.38 21.59 10.99
N ILE B 320 -6.19 20.35 10.52
CA ILE B 320 -4.85 19.80 10.38
C ILE B 320 -4.07 20.53 9.27
N PRO B 321 -4.62 20.84 8.08
CA PRO B 321 -3.86 21.74 7.18
C PRO B 321 -3.74 23.17 7.67
N ILE B 322 -4.62 23.63 8.56
CA ILE B 322 -4.53 25.00 9.07
C ILE B 322 -3.57 25.10 10.25
N ALA B 323 -3.34 24.00 10.98
CA ALA B 323 -2.39 24.03 12.09
C ALA B 323 -0.96 24.03 11.58
N THR B 324 -0.63 23.11 10.67
CA THR B 324 0.73 23.01 10.14
C THR B 324 1.11 24.19 9.26
N ALA B 325 0.15 24.96 8.78
CA ALA B 325 0.42 26.17 8.02
C ALA B 325 0.80 27.35 8.91
N GLY B 326 0.72 27.20 10.23
CA GLY B 326 1.09 28.27 11.14
C GLY B 326 0.10 29.40 11.24
N ASN B 327 -1.19 29.12 11.09
CA ASN B 327 -2.19 30.18 11.11
C ASN B 327 -2.47 30.64 12.55
N PHE B 328 -2.72 29.70 13.45
CA PHE B 328 -3.13 30.06 14.81
C PHE B 328 -1.93 30.56 15.61
N SER B 329 -2.22 31.45 16.55
CA SER B 329 -1.22 31.96 17.48
C SER B 329 -0.99 30.94 18.60
N MET B 330 -0.09 31.27 19.52
CA MET B 330 0.19 30.37 20.63
C MET B 330 -0.94 30.39 21.64
N GLY B 331 -1.52 31.56 21.89
CA GLY B 331 -2.68 31.65 22.76
C GLY B 331 -3.95 31.11 22.12
N MET B 332 -3.99 31.05 20.78
CA MET B 332 -5.12 30.43 20.10
C MET B 332 -4.98 28.91 20.10
N LEU B 333 -3.77 28.39 19.89
CA LEU B 333 -3.54 26.95 19.88
C LEU B 333 -3.76 26.33 21.25
N VAL B 334 -3.52 27.09 22.32
CA VAL B 334 -3.89 26.63 23.66
C VAL B 334 -5.40 26.58 23.80
N PHE B 335 -6.10 27.57 23.25
CA PHE B 335 -7.56 27.56 23.28
C PHE B 335 -8.12 26.44 22.41
N ILE B 336 -7.48 26.15 21.28
CA ILE B 336 -7.95 25.09 20.39
C ILE B 336 -7.74 23.72 21.05
N PHE B 337 -6.62 23.55 21.76
CA PHE B 337 -6.31 22.24 22.35
C PHE B 337 -7.23 21.91 23.51
N VAL B 338 -7.46 22.87 24.42
CA VAL B 338 -8.30 22.61 25.59
C VAL B 338 -9.77 22.47 25.17
N ALA B 339 -10.20 23.17 24.12
CA ALA B 339 -11.58 23.03 23.68
C ALA B 339 -11.80 21.79 22.83
N ARG B 340 -10.80 21.35 22.06
CA ARG B 340 -10.94 20.11 21.31
C ARG B 340 -10.73 18.89 22.17
N VAL B 341 -10.01 19.00 23.29
CA VAL B 341 -9.90 17.87 24.21
C VAL B 341 -11.12 17.78 25.11
N ILE B 342 -11.93 18.83 25.19
CA ILE B 342 -13.18 18.75 25.94
C ILE B 342 -14.27 18.15 25.08
N THR B 343 -14.38 18.60 23.83
CA THR B 343 -15.41 18.10 22.92
C THR B 343 -15.06 16.72 22.35
N THR B 344 -13.84 16.23 22.52
CA THR B 344 -13.54 14.84 22.16
C THR B 344 -14.04 13.89 23.23
N LEU B 345 -13.86 14.24 24.50
CA LEU B 345 -14.38 13.40 25.58
C LEU B 345 -15.88 13.57 25.72
N LEU B 346 -16.41 14.74 25.39
CA LEU B 346 -17.85 14.95 25.48
C LEU B 346 -18.61 14.18 24.42
N CYS B 347 -17.96 13.87 23.29
CA CYS B 347 -18.61 13.21 22.16
C CYS B 347 -18.35 11.71 22.14
N PHE B 348 -17.09 11.29 22.31
CA PHE B 348 -16.79 9.86 22.25
C PHE B 348 -17.29 9.14 23.49
N SER B 349 -17.06 9.72 24.67
CA SER B 349 -17.44 9.08 25.93
C SER B 349 -18.89 9.31 26.30
N SER B 350 -19.71 9.84 25.40
CA SER B 350 -21.14 9.90 25.61
C SER B 350 -21.86 8.67 25.08
N GLY B 351 -21.37 8.07 23.99
CA GLY B 351 -21.96 6.88 23.45
C GLY B 351 -22.36 7.03 22.00
N ALA B 352 -21.78 8.01 21.33
CA ALA B 352 -22.13 8.31 19.94
C ALA B 352 -21.37 7.38 18.99
N PRO B 353 -22.01 6.92 17.91
CA PRO B 353 -21.33 6.02 16.97
C PRO B 353 -20.27 6.69 16.13
N GLY B 354 -19.07 6.86 16.68
CA GLY B 354 -17.97 7.45 15.92
C GLY B 354 -16.63 7.14 16.52
N GLY B 355 -15.59 7.29 15.70
CA GLY B 355 -14.24 6.94 16.08
C GLY B 355 -13.55 8.01 16.88
N ILE B 356 -12.26 7.77 17.15
CA ILE B 356 -11.48 8.71 17.95
C ILE B 356 -10.11 8.95 17.32
N PHE B 357 -9.80 8.33 16.18
CA PHE B 357 -8.51 8.54 15.53
C PHE B 357 -8.40 9.96 14.97
N ALA B 358 -9.32 10.33 14.09
CA ALA B 358 -9.32 11.68 13.54
C ALA B 358 -9.54 12.80 14.56
N PRO B 359 -10.27 12.63 15.68
CA PRO B 359 -10.15 13.62 16.75
C PRO B 359 -8.81 13.61 17.46
N MET B 360 -8.08 12.49 17.46
CA MET B 360 -6.76 12.45 18.09
C MET B 360 -5.63 12.75 17.12
N LEU B 361 -5.87 12.64 15.81
CA LEU B 361 -4.93 13.18 14.85
C LEU B 361 -4.96 14.70 14.85
N ALA B 362 -6.14 15.27 15.06
CA ALA B 362 -6.30 16.71 15.20
C ALA B 362 -5.98 17.21 16.60
N LEU B 363 -5.74 16.32 17.54
CA LEU B 363 -5.30 16.68 18.88
C LEU B 363 -3.79 16.58 19.03
N GLY B 364 -3.14 15.79 18.18
CA GLY B 364 -1.69 15.72 18.15
C GLY B 364 -1.11 16.74 17.21
N THR B 365 -1.92 17.21 16.26
CA THR B 365 -1.48 18.27 15.35
C THR B 365 -1.48 19.62 16.06
N VAL B 366 -2.44 19.84 16.94
CA VAL B 366 -2.49 21.08 17.70
C VAL B 366 -1.40 21.11 18.77
N LEU B 367 -1.22 20.00 19.47
CA LEU B 367 -0.15 19.92 20.46
C LEU B 367 1.22 19.85 19.80
N GLY B 368 1.30 19.29 18.59
CA GLY B 368 2.57 19.29 17.88
C GLY B 368 2.93 20.66 17.33
N THR B 369 1.93 21.45 16.94
CA THR B 369 2.19 22.81 16.46
C THR B 369 2.61 23.72 17.61
N ALA B 370 2.02 23.53 18.79
CA ALA B 370 2.41 24.29 19.96
C ALA B 370 3.82 23.94 20.41
N PHE B 371 4.25 22.69 20.20
CA PHE B 371 5.63 22.33 20.49
C PHE B 371 6.58 22.93 19.46
N GLY B 372 6.20 22.88 18.18
CA GLY B 372 7.04 23.42 17.13
C GLY B 372 7.11 24.93 17.08
N MET B 373 6.19 25.62 17.75
CA MET B 373 6.21 27.07 17.81
C MET B 373 6.94 27.61 19.04
N VAL B 374 7.05 26.82 20.11
CA VAL B 374 7.92 27.17 21.22
C VAL B 374 9.32 26.64 21.04
N ALA B 375 9.58 25.88 19.97
CA ALA B 375 10.91 25.44 19.62
C ALA B 375 11.48 26.20 18.43
N VAL B 376 10.66 26.90 17.66
CA VAL B 376 11.17 27.74 16.58
C VAL B 376 11.61 29.10 17.11
N GLU B 377 11.21 29.46 18.33
CA GLU B 377 11.70 30.68 18.97
C GLU B 377 12.85 30.42 19.93
N LEU B 378 12.90 29.24 20.55
CA LEU B 378 13.99 28.91 21.45
C LEU B 378 15.25 28.51 20.71
N PHE B 379 15.10 27.93 19.51
CA PHE B 379 16.23 27.44 18.72
C PHE B 379 16.22 28.13 17.35
N PRO B 380 16.74 29.35 17.25
CA PRO B 380 16.88 29.98 15.94
C PRO B 380 18.04 29.44 15.13
N GLN B 381 18.98 28.73 15.78
CA GLN B 381 20.11 28.15 15.08
C GLN B 381 19.74 26.92 14.26
N TYR B 382 18.58 26.33 14.53
CA TYR B 382 18.15 25.11 13.86
C TYR B 382 17.36 25.38 12.58
N HIS B 383 16.85 26.60 12.41
CA HIS B 383 15.96 27.01 11.30
C HIS B 383 14.74 26.10 11.23
N LEU B 384 14.03 25.99 12.35
CA LEU B 384 12.96 25.02 12.48
C LEU B 384 11.69 25.51 11.80
N GLU B 385 10.63 24.71 11.92
CA GLU B 385 9.32 25.04 11.40
C GLU B 385 8.30 24.29 12.24
N ALA B 386 7.19 24.95 12.58
CA ALA B 386 6.15 24.35 13.39
C ALA B 386 5.39 23.25 12.68
N GLY B 387 5.54 23.11 11.36
CA GLY B 387 4.83 22.08 10.64
C GLY B 387 5.44 20.70 10.76
N THR B 388 6.77 20.63 10.87
CA THR B 388 7.42 19.33 11.00
C THR B 388 7.20 18.70 12.37
N PHE B 389 6.85 19.50 13.38
CA PHE B 389 6.51 18.99 14.69
C PHE B 389 5.03 18.67 14.82
N ALA B 390 4.20 19.21 13.94
CA ALA B 390 2.78 18.90 13.95
C ALA B 390 2.49 17.61 13.20
N ILE B 391 3.20 17.37 12.10
CA ILE B 391 3.05 16.13 11.36
C ILE B 391 3.63 14.96 12.15
N ALA B 392 4.79 15.18 12.78
CA ALA B 392 5.39 14.15 13.62
C ALA B 392 4.55 13.91 14.88
N GLY B 393 4.08 14.98 15.51
CA GLY B 393 3.23 14.87 16.68
C GLY B 393 1.82 14.41 16.41
N MET B 394 1.42 14.26 15.14
CA MET B 394 0.06 13.85 14.81
C MET B 394 -0.16 12.38 15.15
N GLY B 395 0.79 11.52 14.81
CA GLY B 395 0.68 10.11 15.11
C GLY B 395 1.42 9.72 16.37
N ALA B 396 1.69 10.69 17.23
CA ALA B 396 2.31 10.43 18.52
C ALA B 396 1.29 10.21 19.62
N LEU B 397 0.04 10.60 19.41
CA LEU B 397 -1.03 10.27 20.33
C LEU B 397 -1.72 8.95 19.97
N LEU B 398 -1.63 8.53 18.71
CA LEU B 398 -2.01 7.17 18.36
C LEU B 398 -1.06 6.15 18.96
N ALA B 399 0.23 6.50 19.03
CA ALA B 399 1.21 5.61 19.64
C ALA B 399 1.16 5.64 21.16
N ALA B 400 0.48 6.61 21.75
CA ALA B 400 0.40 6.75 23.19
C ALA B 400 -0.94 6.34 23.78
N SER B 401 -2.04 6.65 23.10
CA SER B 401 -3.37 6.23 23.56
C SER B 401 -3.71 4.83 23.06
N ILE B 402 -3.73 4.67 21.73
CA ILE B 402 -4.04 3.37 21.14
C ILE B 402 -2.85 2.43 21.27
N ARG B 403 -1.65 2.99 21.36
CA ARG B 403 -0.37 2.27 21.45
C ARG B 403 -0.18 1.31 20.28
N ALA B 404 -0.48 1.81 19.07
CA ALA B 404 -0.15 1.17 17.82
C ALA B 404 0.83 2.08 17.09
N PRO B 405 2.13 1.94 17.38
CA PRO B 405 3.10 2.92 16.84
C PRO B 405 3.36 2.76 15.36
N LEU B 406 3.50 1.53 14.87
CA LEU B 406 3.81 1.31 13.46
C LEU B 406 2.63 1.65 12.57
N THR B 407 1.41 1.49 13.08
CA THR B 407 0.22 1.88 12.33
C THR B 407 0.14 3.39 12.21
N GLY B 408 0.37 4.11 13.31
CA GLY B 408 0.24 5.56 13.30
C GLY B 408 1.29 6.28 12.49
N ILE B 409 2.46 5.67 12.33
CA ILE B 409 3.49 6.27 11.47
C ILE B 409 3.11 6.12 10.00
N ILE B 410 2.66 4.93 9.61
CA ILE B 410 2.18 4.70 8.24
C ILE B 410 0.75 5.18 8.05
N LEU B 411 0.13 5.75 9.08
CA LEU B 411 -1.14 6.43 8.86
C LEU B 411 -0.95 7.91 8.55
N VAL B 412 -0.04 8.58 9.25
CA VAL B 412 0.13 10.02 9.08
C VAL B 412 0.75 10.33 7.72
N LEU B 413 1.91 9.74 7.44
CA LEU B 413 2.31 9.64 6.05
C LEU B 413 1.50 8.54 5.40
N GLU B 414 1.24 8.71 4.10
CA GLU B 414 0.26 8.11 3.18
C GLU B 414 -1.11 8.80 3.33
N MET B 415 -1.29 9.67 4.33
CA MET B 415 -2.36 10.66 4.34
C MET B 415 -1.82 12.06 4.16
N THR B 416 -0.66 12.33 4.71
CA THR B 416 0.15 13.51 4.42
C THR B 416 1.40 13.03 3.70
N ASP B 417 1.56 13.38 2.43
CA ASP B 417 2.68 12.85 1.65
C ASP B 417 3.99 13.57 1.99
N ASN B 418 4.43 13.40 3.24
CA ASN B 418 5.69 13.90 3.74
C ASN B 418 6.45 12.69 4.26
N TYR B 419 7.11 12.00 3.34
CA TYR B 419 7.85 10.78 3.66
C TYR B 419 9.26 11.10 4.11
N GLN B 420 9.72 12.33 3.88
CA GLN B 420 11.01 12.82 4.35
C GLN B 420 11.03 13.12 5.85
N LEU B 421 9.90 13.01 6.54
CA LEU B 421 9.86 13.10 7.99
C LEU B 421 9.69 11.74 8.64
N ILE B 422 10.26 10.69 8.04
CA ILE B 422 10.11 9.35 8.61
C ILE B 422 10.97 9.18 9.85
N LEU B 423 12.16 9.77 9.85
CA LEU B 423 13.04 9.71 11.00
C LEU B 423 12.60 10.63 12.15
N PRO B 424 12.00 11.80 11.91
CA PRO B 424 11.26 12.44 13.01
C PRO B 424 10.11 11.62 13.55
N MET B 425 9.30 11.02 12.68
CA MET B 425 8.10 10.31 13.11
C MET B 425 8.40 9.01 13.83
N ILE B 426 9.61 8.46 13.67
CA ILE B 426 9.98 7.26 14.43
C ILE B 426 10.35 7.63 15.86
N ILE B 427 11.04 8.76 16.05
CA ILE B 427 11.53 9.13 17.37
C ILE B 427 10.39 9.64 18.25
N THR B 428 9.44 10.38 17.68
CA THR B 428 8.21 10.70 18.39
C THR B 428 7.17 9.60 18.27
N GLY B 429 7.49 8.51 17.60
CA GLY B 429 6.71 7.30 17.50
C GLY B 429 7.23 6.27 18.47
N LEU B 430 8.14 5.40 18.02
CA LEU B 430 8.82 4.49 18.93
C LEU B 430 9.72 5.31 19.85
N GLY B 431 9.19 5.68 21.01
CA GLY B 431 9.78 6.68 21.87
C GLY B 431 8.70 7.46 22.58
N ALA B 432 7.49 7.43 22.02
CA ALA B 432 6.28 7.81 22.74
C ALA B 432 5.56 6.62 23.31
N THR B 433 5.85 5.42 22.82
CA THR B 433 5.40 4.18 23.46
C THR B 433 6.32 3.77 24.59
N LEU B 434 7.51 4.37 24.68
CA LEU B 434 8.40 4.09 25.79
C LEU B 434 7.86 4.69 27.08
N LEU B 435 7.41 5.94 27.03
CA LEU B 435 6.80 6.53 28.21
C LEU B 435 5.32 6.24 28.33
N ALA B 436 4.69 5.65 27.32
CA ALA B 436 3.31 5.21 27.47
C ALA B 436 3.22 3.96 28.35
N GLN B 437 4.21 3.07 28.26
CA GLN B 437 4.28 1.91 29.13
C GLN B 437 4.89 2.26 30.48
N PHE B 438 5.86 3.18 30.50
CA PHE B 438 6.52 3.55 31.74
C PHE B 438 5.61 4.34 32.68
N THR B 439 4.65 5.07 32.13
CA THR B 439 3.68 5.80 32.96
C THR B 439 2.59 4.88 33.47
N GLY B 440 2.33 3.78 32.78
CA GLY B 440 1.30 2.85 33.20
C GLY B 440 0.02 2.99 32.41
N GLY B 441 0.13 3.10 31.09
CA GLY B 441 -1.03 3.31 30.25
C GLY B 441 -1.35 2.14 29.35
N LYS B 442 -2.53 1.57 29.54
CA LYS B 442 -3.02 0.52 28.66
C LYS B 442 -3.42 1.13 27.31
N PRO B 443 -3.51 0.31 26.26
CA PRO B 443 -4.13 0.79 25.02
C PRO B 443 -5.59 1.13 25.24
N LEU B 444 -6.11 2.04 24.40
CA LEU B 444 -7.44 2.59 24.62
C LEU B 444 -8.52 1.56 24.30
N TYR B 445 -8.44 0.94 23.11
CA TYR B 445 -9.45 -0.02 22.71
C TYR B 445 -9.38 -1.31 23.53
N SER B 446 -8.19 -1.64 24.04
CA SER B 446 -8.09 -2.75 24.98
C SER B 446 -8.68 -2.38 26.33
N ALA B 447 -8.68 -1.10 26.69
CA ALA B 447 -9.25 -0.68 27.96
C ALA B 447 -10.77 -0.51 27.87
N ILE B 448 -11.31 -0.23 26.68
CA ILE B 448 -12.76 -0.18 26.53
C ILE B 448 -13.34 -1.58 26.42
N LEU B 449 -12.62 -2.49 25.75
CA LEU B 449 -13.12 -3.86 25.56
C LEU B 449 -13.13 -4.63 26.86
N CYS B 450 -12.05 -4.54 27.65
CA CYS B 450 -12.02 -5.20 28.95
C CYS B 450 -12.97 -4.55 29.96
N ARG B 451 -13.41 -3.32 29.70
CA ARG B 451 -14.45 -2.68 30.49
C ARG B 451 -15.84 -3.04 29.99
N THR B 452 -16.00 -3.27 28.69
CA THR B 452 -17.27 -3.75 28.15
C THR B 452 -17.51 -5.20 28.55
N LEU B 453 -16.47 -6.04 28.46
CA LEU B 453 -16.58 -7.44 28.84
C LEU B 453 -16.73 -7.63 30.34
N ALA B 454 -16.33 -6.64 31.15
CA ALA B 454 -16.60 -6.70 32.58
C ALA B 454 -18.08 -6.53 32.86
N LYS B 455 -18.76 -5.67 32.09
CA LYS B 455 -20.21 -5.54 32.20
C LYS B 455 -20.94 -6.71 31.57
N GLN B 456 -20.29 -7.44 30.65
CA GLN B 456 -20.94 -8.57 30.00
C GLN B 456 -21.09 -9.74 30.97
N GLU B 457 -20.04 -10.04 31.74
CA GLU B 457 -20.07 -11.10 32.73
C GLU B 457 -20.51 -10.60 34.11
N ALA B 458 -21.19 -9.45 34.18
CA ALA B 458 -21.64 -8.91 35.45
C ALA B 458 -23.05 -9.38 35.81
N GLU B 459 -24.00 -9.27 34.88
CA GLU B 459 -25.36 -9.68 35.16
C GLU B 459 -25.52 -11.20 35.05
N GLN B 460 -24.94 -11.80 34.01
CA GLN B 460 -25.08 -13.23 33.77
C GLN B 460 -24.29 -14.09 34.76
N LEU B 461 -23.28 -13.52 35.41
CA LEU B 461 -22.51 -14.27 36.40
C LEU B 461 -22.56 -13.58 37.75
CL CL C . 12.21 -10.55 -13.22
CL CL D . 16.74 -15.98 -14.65
CL CL E . -11.74 4.62 16.36
CL CL F . -16.06 2.62 22.06
#